data_3X1U
#
_entry.id   3X1U
#
_cell.length_a   104.427
_cell.length_b   109.184
_cell.length_c   175.001
_cell.angle_alpha   90.00
_cell.angle_beta   90.00
_cell.angle_gamma   90.00
#
_symmetry.space_group_name_H-M   'P 21 21 21'
#
loop_
_entity.id
_entity.type
_entity.pdbx_description
1 polymer 'DNA (146-MER)'
2 polymer 'Histone H3.1'
3 polymer 'Histone H4'
4 polymer 'Histone H2A'
5 polymer 'Histone H2B type 1-B'
6 non-polymer 'MANGANESE (II) ION'
7 non-polymer 'CHLORIDE ION'
8 water water
#
loop_
_entity_poly.entity_id
_entity_poly.type
_entity_poly.pdbx_seq_one_letter_code
_entity_poly.pdbx_strand_id
1 'polydeoxyribonucleotide'
;(DA)(DT)(DC)(DA)(DA)(DT)(DA)(DT)(DC)(DC)(DA)(DC)(DC)(DT)(DG)(DC)(DA)(DG)(DA)(DT)
(DT)(DC)(DT)(DA)(DC)(DC)(DA)(DA)(DA)(DA)(DG)(DT)(DG)(DT)(DA)(DT)(DT)(DT)(DG)(DG)
(DA)(DA)(DA)(DC)(DT)(DG)(DC)(DT)(DC)(DC)(DA)(DT)(DC)(DA)(DA)(DA)(DA)(DG)(DG)(DC)
(DA)(DT)(DG)(DT)(DT)(DC)(DA)(DG)(DC)(DT)(DG)(DA)(DA)(DT)(DT)(DC)(DA)(DG)(DC)(DT)
(DG)(DA)(DA)(DC)(DA)(DT)(DG)(DC)(DC)(DT)(DT)(DT)(DT)(DG)(DA)(DT)(DG)(DG)(DA)(DG)
(DC)(DA)(DG)(DT)(DT)(DT)(DC)(DC)(DA)(DA)(DA)(DT)(DA)(DC)(DA)(DC)(DT)(DT)(DT)(DT)
(DG)(DG)(DT)(DA)(DG)(DA)(DA)(DT)(DC)(DT)(DG)(DC)(DA)(DG)(DG)(DT)(DG)(DG)(DA)(DT)
(DA)(DT)(DT)(DG)(DA)(DT)
;
I,J
2 'polypeptide(L)'
;ARTKQTARKSTGGKAPRKQLATKAARKSAPATGGVKKPHRYRPGTVALREIRRYQKSTELLIRKLPFQRLVREIAQDFKT
DLRFQSSAVMALQEACEAYLVGLFEDTNLCAIHAKRVTIMPKDIQLARRIRGERA
;
A,E
3 'polypeptide(L)'
;SGRGKGGKGLGKGGAKRHRKVLRDNIQGITKPAIRRLARRGGVKRISGLIYEETRGVLKVFLENVIRDAVTYTEHAKRKT
VTAMDVVYALKRQGRTLYGFGG
;
B,F
4 'polypeptide(L)'
;SGPTKRGGKARAKVKSRSSRAGLQFPVGRVHRLLRQGNYAQRIGAGAPVYLAAVLEYLTAEVLELAGNAARDNKKTRITP
RHLQLAIRNDEELNKLLGRVTIAQGGVLPNIQAVLLPKKTESHKSQTK
;
C,G
5 'polypeptide(L)'
;EPSKSAPAPKKGSKKAITKAQKKDGKKRKRSRKESYSIYVYKVLKQVHPDTGISSKAMGIMNSFVNDIFERIAGEASRLA
HYNKRSTITSREIQTAVRLLLPGELAKHAVSEGTKAVTKYTSSK
;
D,H
#
# COMPACT_ATOMS: atom_id res chain seq x y z
N PRO C 38 -47.80 -18.47 23.02
CA PRO C 38 -46.44 -18.50 22.50
C PRO C 38 -45.45 -17.52 23.15
N HIS C 39 -44.24 -17.88 23.64
CA HIS C 39 -43.31 -16.77 23.89
C HIS C 39 -41.77 -16.60 23.58
N ARG C 40 -41.40 -15.37 23.21
CA ARG C 40 -40.19 -15.03 22.44
C ARG C 40 -39.57 -13.67 22.56
N TYR C 41 -38.47 -13.57 21.81
CA TYR C 41 -37.50 -12.50 21.83
C TYR C 41 -37.87 -11.34 20.93
N ARG C 42 -37.56 -10.14 21.40
CA ARG C 42 -37.95 -8.95 20.70
C ARG C 42 -36.83 -8.57 19.75
N PRO C 43 -37.18 -8.04 18.57
CA PRO C 43 -36.26 -7.66 17.48
C PRO C 43 -34.98 -6.94 17.87
N GLY C 44 -33.87 -7.51 17.44
CA GLY C 44 -32.56 -6.98 17.69
C GLY C 44 -31.84 -7.89 18.65
N THR C 45 -32.59 -8.61 19.46
CA THR C 45 -31.93 -9.32 20.53
C THR C 45 -31.27 -10.63 20.09
N VAL C 46 -31.82 -11.38 19.14
CA VAL C 46 -31.08 -12.56 18.68
C VAL C 46 -29.87 -12.04 17.91
N ALA C 47 -30.06 -10.92 17.21
CA ALA C 47 -29.00 -10.29 16.44
C ALA C 47 -27.75 -10.16 17.33
N LEU C 48 -27.89 -9.50 18.48
CA LEU C 48 -26.76 -9.44 19.40
C LEU C 48 -26.36 -10.87 19.75
N ARG C 49 -27.32 -11.69 20.15
CA ARG C 49 -27.02 -13.10 20.40
C ARG C 49 -26.29 -13.76 19.23
N GLU C 50 -26.66 -13.38 18.01
CA GLU C 50 -26.00 -13.92 16.82
C GLU C 50 -24.63 -13.29 16.56
N ILE C 51 -24.50 -11.98 16.76
CA ILE C 51 -23.21 -11.32 16.58
C ILE C 51 -22.13 -11.92 17.46
N ARG C 52 -22.47 -12.15 18.73
CA ARG C 52 -21.50 -12.65 19.69
C ARG C 52 -21.15 -14.08 19.32
N ARG C 53 -22.08 -14.80 18.71
CA ARG C 53 -21.82 -16.17 18.30
C ARG C 53 -20.75 -16.28 17.21
N TYR C 54 -20.90 -15.46 16.16
CA TYR C 54 -20.00 -15.52 15.01
C TYR C 54 -18.69 -14.81 15.24
N GLN C 55 -18.72 -13.77 16.06
CA GLN C 55 -17.46 -13.16 16.47
C GLN C 55 -16.73 -14.14 17.35
N LYS C 56 -17.49 -15.04 17.97
CA LYS C 56 -16.89 -16.00 18.87
C LYS C 56 -16.20 -17.07 18.07
N SER C 57 -16.78 -17.39 16.93
CA SER C 57 -16.30 -18.52 16.14
C SER C 57 -15.22 -18.10 15.16
N THR C 58 -14.74 -19.08 14.39
CA THR C 58 -13.71 -18.86 13.38
C THR C 58 -14.07 -19.55 12.03
N GLU C 59 -15.17 -20.30 12.02
CA GLU C 59 -15.55 -21.12 10.86
C GLU C 59 -15.83 -20.29 9.58
N LEU C 60 -15.75 -20.94 8.41
CA LEU C 60 -16.17 -20.29 7.15
C LEU C 60 -17.69 -20.09 7.11
N LEU C 61 -18.18 -19.04 6.46
CA LEU C 61 -19.59 -18.72 6.55
C LEU C 61 -20.36 -18.79 5.22
N ILE C 62 -19.71 -18.51 4.09
CA ILE C 62 -20.28 -18.85 2.80
C ILE C 62 -20.12 -20.36 2.65
N ARG C 63 -20.98 -21.02 1.90
CA ARG C 63 -20.87 -22.47 1.80
C ARG C 63 -19.97 -22.85 0.64
N LYS C 64 -19.44 -24.07 0.69
CA LYS C 64 -18.20 -24.36 -0.02
C LYS C 64 -18.45 -24.54 -1.52
N LEU C 65 -19.48 -25.31 -1.85
CA LEU C 65 -19.75 -25.61 -3.24
C LEU C 65 -20.46 -24.46 -3.96
N PRO C 66 -21.38 -23.74 -3.28
CA PRO C 66 -21.86 -22.54 -3.96
C PRO C 66 -20.70 -21.63 -4.32
N PHE C 67 -19.74 -21.54 -3.41
CA PHE C 67 -18.58 -20.70 -3.63
C PHE C 67 -17.73 -21.25 -4.77
N GLN C 68 -17.39 -22.54 -4.65
CA GLN C 68 -16.53 -23.21 -5.62
C GLN C 68 -17.09 -23.01 -7.01
N ARG C 69 -18.39 -23.23 -7.13
CA ARG C 69 -19.08 -23.07 -8.37
C ARG C 69 -18.83 -21.65 -8.84
N LEU C 70 -19.18 -20.69 -7.97
CA LEU C 70 -18.95 -19.28 -8.25
C LEU C 70 -17.50 -18.99 -8.67
N VAL C 71 -16.55 -19.57 -7.95
CA VAL C 71 -15.14 -19.32 -8.24
C VAL C 71 -14.72 -19.76 -9.62
N ARG C 72 -15.04 -21.00 -9.98
CA ARG C 72 -14.63 -21.53 -11.27
C ARG C 72 -15.31 -20.76 -12.39
N GLU C 73 -16.57 -20.40 -12.17
CA GLU C 73 -17.30 -19.60 -13.15
C GLU C 73 -16.57 -18.28 -13.42
N ILE C 74 -16.21 -17.58 -12.35
CA ILE C 74 -15.50 -16.32 -12.48
C ILE C 74 -14.15 -16.59 -13.17
N ALA C 75 -13.61 -17.77 -12.91
CA ALA C 75 -12.31 -18.17 -13.44
C ALA C 75 -12.38 -18.43 -14.95
N GLN C 76 -13.26 -19.37 -15.33
CA GLN C 76 -13.41 -19.80 -16.71
C GLN C 76 -13.55 -18.59 -17.64
N ASP C 77 -14.25 -17.57 -17.16
CA ASP C 77 -14.46 -16.33 -17.91
C ASP C 77 -13.17 -15.54 -18.21
N PHE C 78 -12.04 -15.96 -17.63
CA PHE C 78 -10.74 -15.30 -17.87
C PHE C 78 -9.80 -16.15 -18.70
N LYS C 79 -9.78 -17.42 -18.38
CA LYS C 79 -9.07 -18.40 -19.18
C LYS C 79 -9.88 -19.70 -19.12
N THR C 80 -10.11 -20.29 -20.29
CA THR C 80 -10.87 -21.52 -20.37
C THR C 80 -9.98 -22.62 -19.85
N ASP C 81 -10.58 -23.75 -19.49
CA ASP C 81 -9.79 -24.98 -19.28
C ASP C 81 -8.93 -24.92 -18.03
N LEU C 82 -9.43 -24.17 -17.06
CA LEU C 82 -8.72 -24.06 -15.82
C LEU C 82 -9.30 -25.08 -14.85
N ARG C 83 -8.38 -25.67 -14.07
CA ARG C 83 -8.72 -26.42 -12.86
C ARG C 83 -8.02 -25.82 -11.65
N PHE C 84 -8.33 -26.34 -10.45
CA PHE C 84 -7.99 -25.64 -9.21
C PHE C 84 -7.54 -26.57 -8.07
N GLN C 85 -6.50 -26.15 -7.36
CA GLN C 85 -6.13 -26.86 -6.15
C GLN C 85 -7.20 -26.69 -5.06
N SER C 86 -7.54 -27.80 -4.41
CA SER C 86 -8.47 -27.77 -3.27
C SER C 86 -8.09 -26.65 -2.32
N SER C 87 -6.79 -26.60 -1.99
CA SER C 87 -6.21 -25.55 -1.16
C SER C 87 -6.41 -24.14 -1.71
N ALA C 88 -6.33 -24.00 -3.03
CA ALA C 88 -6.44 -22.70 -3.68
C ALA C 88 -7.86 -22.15 -3.68
N VAL C 89 -8.83 -23.02 -3.42
CA VAL C 89 -10.19 -22.52 -3.28
C VAL C 89 -10.39 -21.98 -1.85
N MET C 90 -10.03 -22.76 -0.84
CA MET C 90 -10.16 -22.27 0.52
C MET C 90 -9.34 -21.01 0.64
N ALA C 91 -8.19 -20.95 -0.02
CA ALA C 91 -7.41 -19.71 -0.06
C ALA C 91 -8.32 -18.53 -0.45
N LEU C 92 -9.10 -18.71 -1.51
CA LEU C 92 -9.99 -17.65 -1.97
C LEU C 92 -11.19 -17.42 -1.01
N GLN C 93 -11.76 -18.47 -0.41
CA GLN C 93 -12.88 -18.24 0.53
C GLN C 93 -12.38 -17.43 1.70
N GLU C 94 -11.17 -17.79 2.12
CA GLU C 94 -10.55 -17.15 3.26
C GLU C 94 -10.36 -15.68 2.97
N ALA C 95 -9.81 -15.38 1.80
CA ALA C 95 -9.53 -14.00 1.46
C ALA C 95 -10.83 -13.21 1.39
N CYS C 96 -11.86 -13.81 0.77
CA CYS C 96 -13.14 -13.14 0.59
C CYS C 96 -13.84 -12.88 1.88
N GLU C 97 -14.07 -13.92 2.67
CA GLU C 97 -14.85 -13.75 3.88
C GLU C 97 -14.18 -12.68 4.72
N ALA C 98 -12.85 -12.76 4.84
CA ALA C 98 -12.09 -11.70 5.49
C ALA C 98 -12.41 -10.34 4.90
N TYR C 99 -12.22 -10.17 3.59
CA TYR C 99 -12.44 -8.88 2.97
C TYR C 99 -13.80 -8.37 3.35
N LEU C 100 -14.81 -9.20 3.12
CA LEU C 100 -16.21 -8.83 3.34
C LEU C 100 -16.57 -8.48 4.77
N VAL C 101 -16.15 -9.29 5.73
CA VAL C 101 -16.47 -9.02 7.13
C VAL C 101 -15.86 -7.68 7.45
N GLY C 102 -14.60 -7.57 7.13
CA GLY C 102 -13.85 -6.36 7.33
C GLY C 102 -14.45 -5.24 6.51
N LEU C 103 -15.17 -5.58 5.44
CA LEU C 103 -15.75 -4.53 4.61
C LEU C 103 -16.72 -3.80 5.47
N PHE C 104 -17.51 -4.48 6.31
CA PHE C 104 -17.62 -3.78 7.56
C PHE C 104 -18.00 -4.25 8.90
N GLU C 105 -16.93 -4.22 9.67
CA GLU C 105 -16.86 -3.30 10.75
C GLU C 105 -16.82 -1.82 10.18
N ASP C 106 -16.09 -1.57 9.08
CA ASP C 106 -15.93 -0.21 8.46
C ASP C 106 -17.12 0.65 8.05
N THR C 107 -18.14 0.07 7.45
CA THR C 107 -19.44 0.81 7.28
C THR C 107 -20.32 0.81 8.50
N ASN C 108 -20.50 -0.30 9.19
CA ASN C 108 -21.33 -0.27 10.41
C ASN C 108 -21.01 0.98 11.22
N LEU C 109 -19.74 1.38 11.14
CA LEU C 109 -19.30 2.65 11.65
C LEU C 109 -20.01 3.81 10.91
N CYS C 110 -20.13 3.68 9.59
CA CYS C 110 -20.83 4.67 8.74
C CYS C 110 -22.35 4.75 8.93
N ALA C 111 -22.95 3.61 9.26
CA ALA C 111 -24.37 3.56 9.55
C ALA C 111 -24.58 4.23 10.89
N ILE C 112 -23.70 3.90 11.83
CA ILE C 112 -23.72 4.50 13.14
C ILE C 112 -23.38 5.99 13.04
N HIS C 113 -22.59 6.37 12.05
CA HIS C 113 -22.15 7.76 11.95
C HIS C 113 -23.33 8.70 11.68
N ALA C 114 -24.40 8.14 11.11
CA ALA C 114 -25.57 8.91 10.64
C ALA C 114 -26.79 8.65 11.54
N LYS C 115 -26.52 8.53 12.84
CA LYS C 115 -27.52 8.32 13.89
C LYS C 115 -28.44 7.14 13.55
N ARG C 116 -27.92 6.23 12.72
CA ARG C 116 -28.59 4.99 12.35
C ARG C 116 -27.94 3.74 12.99
N VAL C 117 -28.64 2.62 12.86
CA VAL C 117 -28.24 1.33 13.44
C VAL C 117 -28.42 0.24 12.37
N THR C 118 -28.93 0.65 11.20
CA THR C 118 -29.11 -0.28 10.09
C THR C 118 -28.16 0.04 8.93
N ILE C 119 -27.40 -0.96 8.49
CA ILE C 119 -26.50 -0.74 7.37
C ILE C 119 -27.32 -0.67 6.07
N MET C 120 -26.98 0.27 5.21
CA MET C 120 -27.68 0.43 3.94
C MET C 120 -26.64 0.46 2.82
N PRO C 121 -27.08 0.25 1.56
CA PRO C 121 -26.10 0.31 0.48
C PRO C 121 -25.33 1.63 0.51
N LYS C 122 -26.07 2.69 0.83
CA LYS C 122 -25.54 4.05 0.91
C LYS C 122 -24.28 4.10 1.73
N ASP C 123 -24.24 3.24 2.73
CA ASP C 123 -23.14 3.09 3.68
C ASP C 123 -21.92 2.36 3.15
N ILE C 124 -22.14 1.20 2.50
CA ILE C 124 -21.05 0.42 1.88
C ILE C 124 -20.27 1.25 0.86
N GLN C 125 -20.99 2.06 0.09
CA GLN C 125 -20.34 2.83 -0.93
C GLN C 125 -19.44 3.87 -0.27
N LEU C 126 -19.90 4.48 0.82
CA LEU C 126 -19.04 5.42 1.53
C LEU C 126 -17.80 4.72 2.08
N ALA C 127 -17.98 3.52 2.64
CA ALA C 127 -16.82 2.75 3.09
C ALA C 127 -15.83 2.57 1.95
N ARG C 128 -16.29 2.14 0.80
CA ARG C 128 -15.33 1.83 -0.23
C ARG C 128 -14.76 3.13 -0.79
N ARG C 129 -15.52 4.22 -0.79
CA ARG C 129 -14.99 5.43 -1.40
C ARG C 129 -13.85 6.04 -0.57
N ILE C 130 -13.88 5.81 0.73
CA ILE C 130 -12.87 6.35 1.64
C ILE C 130 -11.59 5.51 1.62
N ARG C 131 -11.79 4.20 1.63
CA ARG C 131 -10.77 3.20 1.41
C ARG C 131 -10.05 3.41 0.06
N GLY C 132 -10.77 3.91 -0.96
CA GLY C 132 -10.12 4.20 -2.22
C GLY C 132 -10.40 3.15 -3.27
N GLU C 133 -11.38 2.30 -2.98
CA GLU C 133 -11.80 1.30 -3.93
C GLU C 133 -12.55 2.01 -5.07
N ARG C 134 -13.33 3.09 -4.82
CA ARG C 134 -14.13 3.72 -5.91
C ARG C 134 -14.27 5.24 -6.27
N ALA C 135 -13.72 6.20 -5.52
CA ALA C 135 -13.71 7.64 -5.94
C ALA C 135 -13.15 8.56 -4.83
N LYS D 20 -38.71 -22.57 -10.02
CA LYS D 20 -38.10 -22.44 -11.33
C LYS D 20 -36.71 -21.81 -11.18
N VAL D 21 -35.84 -22.55 -10.52
CA VAL D 21 -34.55 -22.07 -10.08
C VAL D 21 -33.39 -22.12 -11.06
N LEU D 22 -33.47 -21.33 -12.11
CA LEU D 22 -32.30 -21.05 -12.93
C LEU D 22 -31.72 -19.71 -12.43
N ARG D 23 -30.57 -19.76 -11.76
CA ARG D 23 -29.98 -18.54 -11.17
C ARG D 23 -28.48 -18.64 -10.97
N ASP D 24 -27.75 -17.64 -11.47
CA ASP D 24 -26.28 -17.56 -11.36
C ASP D 24 -25.82 -17.98 -9.98
N ASN D 25 -24.59 -18.51 -9.86
CA ASN D 25 -24.23 -19.08 -8.59
C ASN D 25 -23.90 -17.99 -7.61
N ILE D 26 -23.87 -16.75 -8.12
CA ILE D 26 -23.66 -15.59 -7.27
C ILE D 26 -24.84 -15.53 -6.32
N GLN D 27 -25.98 -16.03 -6.77
CA GLN D 27 -27.17 -16.06 -5.93
C GLN D 27 -27.17 -17.37 -5.14
N GLY D 28 -26.22 -18.24 -5.47
CA GLY D 28 -26.00 -19.44 -4.69
C GLY D 28 -25.39 -19.06 -3.36
N ILE D 29 -24.95 -17.81 -3.30
CA ILE D 29 -24.40 -17.25 -2.08
C ILE D 29 -25.65 -16.90 -1.36
N THR D 30 -26.08 -17.86 -0.57
CA THR D 30 -27.41 -17.83 0.02
C THR D 30 -27.55 -16.62 0.91
N LYS D 31 -28.77 -16.09 0.95
CA LYS D 31 -29.09 -14.89 1.70
C LYS D 31 -28.73 -14.91 3.18
N PRO D 32 -29.11 -15.95 3.94
CA PRO D 32 -28.79 -15.88 5.37
C PRO D 32 -27.30 -15.87 5.53
N ALA D 33 -26.70 -16.76 4.76
CA ALA D 33 -25.27 -16.96 4.70
C ALA D 33 -24.53 -15.75 4.22
N ILE D 34 -25.12 -14.97 3.29
CA ILE D 34 -24.44 -13.76 2.83
C ILE D 34 -24.09 -13.02 4.05
N ARG D 35 -25.05 -12.81 4.93
CA ARG D 35 -24.56 -12.18 6.11
C ARG D 35 -25.17 -12.64 7.40
N ARG D 36 -24.82 -13.89 7.68
CA ARG D 36 -24.28 -14.26 8.98
C ARG D 36 -22.98 -13.48 9.14
N LEU D 37 -22.25 -13.30 8.03
CA LEU D 37 -21.01 -12.52 8.06
C LEU D 37 -21.11 -11.17 8.75
N ALA D 38 -22.19 -10.44 8.48
CA ALA D 38 -22.35 -9.05 8.92
C ALA D 38 -22.28 -9.02 10.41
N ARG D 39 -22.66 -10.13 11.03
CA ARG D 39 -22.65 -10.21 12.46
C ARG D 39 -21.19 -10.38 12.91
N ARG D 40 -20.43 -11.28 12.30
CA ARG D 40 -18.99 -11.36 12.59
C ARG D 40 -18.39 -9.98 12.37
N GLY D 41 -18.96 -9.27 11.41
CA GLY D 41 -18.62 -7.90 11.14
C GLY D 41 -19.18 -6.94 12.17
N GLY D 42 -20.04 -7.43 13.07
CA GLY D 42 -20.55 -6.63 14.18
C GLY D 42 -21.78 -5.79 13.88
N VAL D 43 -22.73 -6.35 13.13
CA VAL D 43 -23.92 -5.61 12.70
C VAL D 43 -25.24 -6.08 13.28
N LYS D 44 -25.95 -5.14 13.90
CA LYS D 44 -27.18 -5.48 14.57
C LYS D 44 -28.31 -5.73 13.56
N ARG D 45 -28.44 -4.93 12.51
CA ARG D 45 -29.54 -5.16 11.55
C ARG D 45 -29.34 -4.53 10.13
N ILE D 46 -29.78 -5.28 9.12
CA ILE D 46 -29.43 -5.01 7.72
C ILE D 46 -30.63 -4.81 6.73
N SER D 47 -30.55 -3.75 5.91
CA SER D 47 -31.51 -3.50 4.84
C SER D 47 -31.65 -4.63 3.78
N GLY D 48 -32.80 -4.70 3.11
CA GLY D 48 -33.03 -5.74 2.11
C GLY D 48 -32.23 -5.52 0.84
N LEU D 49 -31.86 -4.26 0.62
CA LEU D 49 -31.11 -3.88 -0.56
C LEU D 49 -29.67 -4.32 -0.39
N ILE D 50 -29.28 -4.49 0.87
CA ILE D 50 -27.89 -4.69 1.24
C ILE D 50 -27.34 -5.94 0.60
N TYR D 51 -28.18 -6.96 0.48
CA TYR D 51 -27.77 -8.27 -0.03
C TYR D 51 -27.32 -8.19 -1.48
N GLU D 52 -28.11 -7.52 -2.31
CA GLU D 52 -27.74 -7.39 -3.70
C GLU D 52 -26.45 -6.59 -3.78
N GLU D 53 -26.48 -5.38 -3.23
CA GLU D 53 -25.31 -4.50 -3.21
C GLU D 53 -24.04 -5.26 -2.81
N THR D 54 -24.20 -6.12 -1.80
CA THR D 54 -23.15 -7.00 -1.27
C THR D 54 -22.63 -8.02 -2.26
N ARG D 55 -23.58 -8.70 -2.89
CA ARG D 55 -23.27 -9.73 -3.88
C ARG D 55 -22.48 -9.09 -5.01
N GLY D 56 -22.79 -7.83 -5.28
CA GLY D 56 -22.03 -7.03 -6.22
C GLY D 56 -20.57 -6.85 -5.83
N VAL D 57 -20.33 -6.44 -4.59
CA VAL D 57 -18.99 -6.15 -4.08
C VAL D 57 -18.18 -7.44 -3.92
N LEU D 58 -18.89 -8.51 -3.55
CA LEU D 58 -18.25 -9.81 -3.40
C LEU D 58 -17.62 -10.17 -4.71
N LYS D 59 -18.40 -10.01 -5.77
CA LYS D 59 -17.98 -10.47 -7.07
C LYS D 59 -16.82 -9.62 -7.62
N VAL D 60 -16.90 -8.32 -7.48
CA VAL D 60 -15.82 -7.45 -7.94
C VAL D 60 -14.54 -7.84 -7.26
N PHE D 61 -14.61 -7.97 -5.94
CA PHE D 61 -13.44 -8.33 -5.16
C PHE D 61 -12.76 -9.53 -5.69
N LEU D 62 -13.49 -10.60 -5.90
CA LEU D 62 -12.80 -11.79 -6.32
C LEU D 62 -12.59 -11.82 -7.84
N GLU D 63 -13.32 -11.03 -8.63
CA GLU D 63 -13.02 -11.00 -10.07
C GLU D 63 -11.59 -10.60 -10.33
N ASN D 64 -11.21 -9.39 -9.92
CA ASN D 64 -9.87 -8.85 -10.24
C ASN D 64 -8.77 -9.59 -9.52
N VAL D 65 -9.12 -10.19 -8.38
CA VAL D 65 -8.17 -11.10 -7.74
C VAL D 65 -7.90 -12.32 -8.63
N ILE D 66 -8.95 -13.00 -9.10
CA ILE D 66 -8.74 -14.20 -9.92
C ILE D 66 -8.06 -13.77 -11.22
N ARG D 67 -8.42 -12.60 -11.74
CA ARG D 67 -7.72 -12.10 -12.91
C ARG D 67 -6.20 -12.02 -12.66
N ASP D 68 -5.76 -11.41 -11.58
CA ASP D 68 -4.30 -11.40 -11.32
C ASP D 68 -3.73 -12.78 -10.99
N ALA D 69 -4.51 -13.58 -10.27
CA ALA D 69 -4.07 -14.91 -9.91
C ALA D 69 -3.82 -15.70 -11.17
N VAL D 70 -4.76 -15.61 -12.11
CA VAL D 70 -4.73 -16.42 -13.31
C VAL D 70 -3.56 -16.09 -14.22
N THR D 71 -3.32 -14.81 -14.50
CA THR D 71 -2.13 -14.48 -15.28
C THR D 71 -0.89 -15.08 -14.63
N TYR D 72 -0.91 -15.27 -13.33
CA TYR D 72 0.21 -15.95 -12.73
C TYR D 72 0.16 -17.37 -13.22
N THR D 73 -1.03 -17.97 -13.25
CA THR D 73 -1.12 -19.37 -13.65
C THR D 73 -0.66 -19.42 -15.10
N GLU D 74 -1.02 -18.39 -15.84
CA GLU D 74 -0.77 -18.37 -17.27
C GLU D 74 0.70 -18.08 -17.56
N HIS D 75 1.32 -17.18 -16.81
CA HIS D 75 2.72 -16.88 -17.07
C HIS D 75 3.51 -18.16 -16.88
N ALA D 76 3.04 -18.99 -15.96
CA ALA D 76 3.80 -20.20 -15.64
C ALA D 76 3.46 -21.33 -16.57
N LYS D 77 2.70 -21.02 -17.62
CA LYS D 77 2.32 -22.01 -18.60
C LYS D 77 1.69 -23.20 -17.90
N ARG D 78 0.83 -22.95 -16.94
CA ARG D 78 0.10 -24.05 -16.31
C ARG D 78 -1.38 -23.99 -16.67
N LYS D 79 -2.12 -25.04 -16.32
CA LYS D 79 -3.57 -25.03 -16.50
C LYS D 79 -4.29 -25.34 -15.18
N THR D 80 -3.54 -25.34 -14.09
CA THR D 80 -4.18 -25.44 -12.80
C THR D 80 -3.76 -24.28 -11.89
N VAL D 81 -4.74 -23.57 -11.38
CA VAL D 81 -4.47 -22.52 -10.41
C VAL D 81 -4.18 -23.13 -9.06
N THR D 82 -2.99 -22.79 -8.57
CA THR D 82 -2.50 -23.24 -7.30
C THR D 82 -2.61 -22.14 -6.28
N ALA D 83 -2.61 -22.52 -5.00
CA ALA D 83 -2.83 -21.56 -3.92
C ALA D 83 -1.76 -20.47 -3.95
N MET D 84 -0.56 -20.79 -4.43
CA MET D 84 0.47 -19.78 -4.50
C MET D 84 0.11 -18.67 -5.47
N ASP D 85 -0.52 -19.03 -6.58
CA ASP D 85 -0.99 -18.00 -7.50
C ASP D 85 -1.96 -17.07 -6.78
N VAL D 86 -2.87 -17.65 -6.00
CA VAL D 86 -3.81 -16.86 -5.22
C VAL D 86 -3.04 -15.91 -4.30
N VAL D 87 -2.15 -16.47 -3.50
CA VAL D 87 -1.38 -15.73 -2.49
C VAL D 87 -0.58 -14.57 -3.08
N TYR D 88 0.11 -14.84 -4.19
CA TYR D 88 0.94 -13.84 -4.84
C TYR D 88 0.07 -12.68 -5.28
N ALA D 89 -1.15 -13.04 -5.67
CA ALA D 89 -2.14 -12.13 -6.21
C ALA D 89 -2.80 -11.29 -5.12
N LEU D 90 -3.13 -11.94 -4.01
CA LEU D 90 -3.68 -11.22 -2.86
C LEU D 90 -2.68 -10.20 -2.42
N LYS D 91 -1.42 -10.61 -2.34
CA LYS D 91 -0.34 -9.71 -1.96
C LYS D 91 -0.30 -8.57 -2.98
N ARG D 92 -0.47 -8.94 -4.25
CA ARG D 92 -0.46 -8.00 -5.36
C ARG D 92 -1.50 -6.90 -5.18
N GLN D 93 -2.62 -7.29 -4.58
CA GLN D 93 -3.76 -6.42 -4.34
C GLN D 93 -3.67 -5.74 -3.00
N GLY D 94 -2.61 -6.05 -2.25
CA GLY D 94 -2.51 -5.48 -0.92
C GLY D 94 -3.47 -6.16 0.03
N ARG D 95 -3.65 -7.45 -0.11
CA ARG D 95 -4.47 -8.16 0.85
C ARG D 95 -3.72 -9.40 1.28
N THR D 96 -2.54 -9.17 1.82
CA THR D 96 -1.58 -10.24 2.09
C THR D 96 -2.16 -11.26 3.03
N LEU D 97 -2.14 -12.51 2.60
CA LEU D 97 -2.76 -13.58 3.35
C LEU D 97 -1.71 -14.54 3.88
N TYR D 98 -1.70 -14.76 5.20
CA TYR D 98 -0.80 -15.73 5.86
C TYR D 98 -1.48 -17.07 6.05
N GLY D 99 -0.72 -18.16 5.86
CA GLY D 99 -1.26 -19.49 6.07
C GLY D 99 -1.42 -20.35 4.82
N PHE D 100 -0.84 -19.93 3.68
CA PHE D 100 -0.94 -20.72 2.46
C PHE D 100 0.35 -20.78 1.61
N GLY D 101 1.49 -20.32 2.15
CA GLY D 101 2.78 -20.38 1.48
C GLY D 101 3.56 -19.06 1.40
N GLY D 102 2.88 -17.98 1.78
CA GLY D 102 3.49 -16.65 1.83
C GLY D 102 2.39 -15.66 2.20
N VAL E 14 27.51 2.14 -37.20
CA VAL E 14 26.90 2.02 -35.87
C VAL E 14 25.45 2.47 -35.94
N LYS E 15 24.54 1.54 -35.63
CA LYS E 15 23.14 1.91 -35.46
C LYS E 15 22.51 1.49 -34.12
N SER E 16 22.07 2.47 -33.34
CA SER E 16 21.51 2.28 -31.99
C SER E 16 20.28 1.39 -31.99
N ARG E 17 20.04 0.69 -30.88
CA ARG E 17 18.90 -0.22 -30.80
C ARG E 17 17.57 0.50 -30.69
N SER E 18 17.61 1.74 -30.22
CA SER E 18 16.37 2.47 -29.95
C SER E 18 15.63 2.86 -31.20
N SER E 19 16.37 3.21 -32.25
CA SER E 19 15.79 3.55 -33.54
C SER E 19 15.71 2.31 -34.39
N ARG E 20 16.58 1.36 -34.08
CA ARG E 20 16.46 0.05 -34.67
C ARG E 20 15.09 -0.59 -34.35
N ALA E 21 14.44 -0.18 -33.26
CA ALA E 21 13.09 -0.71 -32.95
C ALA E 21 12.01 0.34 -33.16
N GLY E 22 12.44 1.50 -33.66
CA GLY E 22 11.52 2.54 -34.03
C GLY E 22 10.93 3.16 -32.79
N LEU E 23 11.81 3.45 -31.83
CA LEU E 23 11.44 4.00 -30.53
C LEU E 23 12.16 5.31 -30.32
N GLN E 24 11.53 6.22 -29.58
CA GLN E 24 12.18 7.44 -29.13
C GLN E 24 12.98 7.20 -27.87
N PHE E 25 12.43 6.39 -26.97
CA PHE E 25 13.07 6.08 -25.69
C PHE E 25 14.37 5.29 -25.86
N PRO E 26 15.34 5.54 -24.97
CA PRO E 26 16.66 4.94 -25.10
C PRO E 26 16.70 3.48 -24.63
N VAL E 27 16.47 2.54 -25.55
CA VAL E 27 16.50 1.12 -25.23
C VAL E 27 17.80 0.74 -24.53
N GLY E 28 18.88 1.38 -24.97
CA GLY E 28 20.19 1.08 -24.43
C GLY E 28 20.28 1.29 -22.94
N ARG E 29 19.86 2.48 -22.53
CA ARG E 29 19.84 2.84 -21.12
C ARG E 29 18.91 1.97 -20.33
N VAL E 30 17.66 1.89 -20.77
CA VAL E 30 16.66 1.05 -20.15
C VAL E 30 17.23 -0.34 -19.85
N HIS E 31 18.10 -0.85 -20.72
CA HIS E 31 18.76 -2.12 -20.45
C HIS E 31 19.65 -1.97 -19.26
N ARG E 32 20.46 -0.91 -19.28
CA ARG E 32 21.39 -0.64 -18.19
C ARG E 32 20.65 -0.45 -16.89
N LEU E 33 19.54 0.26 -16.91
CA LEU E 33 18.79 0.52 -15.69
C LEU E 33 18.21 -0.79 -15.14
N LEU E 34 18.21 -1.84 -15.94
CA LEU E 34 17.80 -3.16 -15.47
C LEU E 34 18.98 -3.87 -14.78
N ARG E 35 20.21 -3.41 -15.07
CA ARG E 35 21.41 -3.76 -14.28
C ARG E 35 21.29 -3.57 -12.74
N GLN E 36 20.72 -2.47 -12.25
CA GLN E 36 20.78 -2.24 -10.78
C GLN E 36 19.50 -2.44 -10.02
N GLY E 37 18.50 -3.07 -10.56
CA GLY E 37 17.38 -3.24 -9.65
C GLY E 37 17.74 -4.55 -9.07
N ASN E 38 18.72 -5.17 -9.74
CA ASN E 38 19.00 -6.54 -9.44
C ASN E 38 17.64 -7.17 -9.57
N TYR E 39 17.01 -6.94 -10.72
CA TYR E 39 15.65 -7.36 -10.86
C TYR E 39 15.80 -8.86 -11.16
N ALA E 40 16.93 -9.23 -11.76
CA ALA E 40 17.33 -10.64 -11.80
C ALA E 40 18.78 -10.77 -12.20
N GLN E 41 19.29 -12.01 -12.19
CA GLN E 41 20.68 -12.26 -12.54
C GLN E 41 20.92 -11.77 -13.95
N ARG E 42 19.93 -11.99 -14.80
CA ARG E 42 20.09 -11.75 -16.22
C ARG E 42 19.00 -10.99 -16.99
N ILE E 43 19.40 -10.21 -17.98
CA ILE E 43 18.43 -9.44 -18.76
C ILE E 43 18.37 -9.80 -20.27
N GLY E 44 17.25 -10.41 -20.68
CA GLY E 44 17.02 -10.77 -22.07
C GLY E 44 17.00 -9.55 -23.00
N ALA E 45 17.30 -9.73 -24.28
CA ALA E 45 17.54 -8.56 -25.11
C ALA E 45 16.26 -7.87 -25.56
N GLY E 46 15.12 -8.52 -25.36
CA GLY E 46 13.83 -7.94 -25.70
C GLY E 46 13.28 -7.08 -24.58
N ALA E 47 13.64 -7.46 -23.36
CA ALA E 47 13.18 -6.78 -22.16
C ALA E 47 13.41 -5.28 -22.26
N PRO E 48 14.65 -4.82 -22.53
CA PRO E 48 14.71 -3.35 -22.56
C PRO E 48 13.92 -2.74 -23.72
N VAL E 49 13.80 -3.48 -24.81
CA VAL E 49 13.09 -2.91 -25.94
C VAL E 49 11.62 -2.81 -25.60
N TYR E 50 11.02 -3.95 -25.25
CA TYR E 50 9.59 -4.02 -24.95
C TYR E 50 9.18 -2.97 -23.95
N LEU E 51 9.89 -2.95 -22.82
CA LEU E 51 9.67 -2.01 -21.74
C LEU E 51 9.85 -0.56 -22.12
N ALA E 52 11.02 -0.20 -22.66
CA ALA E 52 11.25 1.18 -23.09
C ALA E 52 10.10 1.64 -23.96
N ALA E 53 9.61 0.74 -24.81
CA ALA E 53 8.38 0.96 -25.57
C ALA E 53 7.18 1.30 -24.67
N VAL E 54 6.93 0.50 -23.63
CA VAL E 54 5.80 0.75 -22.75
C VAL E 54 5.96 2.12 -22.09
N LEU E 55 7.18 2.53 -21.85
CA LEU E 55 7.33 3.79 -21.16
C LEU E 55 7.03 4.90 -22.13
N GLU E 56 7.60 4.76 -23.33
CA GLU E 56 7.38 5.70 -24.42
C GLU E 56 5.90 5.78 -24.79
N TYR E 57 5.24 4.62 -24.78
CA TYR E 57 3.83 4.60 -25.07
C TYR E 57 3.06 5.46 -24.09
N LEU E 58 3.34 5.21 -22.80
CA LEU E 58 2.67 5.81 -21.66
C LEU E 58 2.96 7.27 -21.50
N THR E 59 4.23 7.67 -21.62
CA THR E 59 4.53 9.11 -21.53
C THR E 59 3.75 9.86 -22.60
N ALA E 60 3.78 9.28 -23.81
CA ALA E 60 2.99 9.73 -24.96
C ALA E 60 1.50 9.89 -24.65
N GLU E 61 0.89 8.84 -24.13
CA GLU E 61 -0.52 8.83 -23.81
C GLU E 61 -0.89 9.91 -22.79
N VAL E 62 -0.10 10.11 -21.74
CA VAL E 62 -0.48 11.14 -20.79
C VAL E 62 -0.14 12.50 -21.42
N LEU E 63 0.85 12.53 -22.32
CA LEU E 63 1.21 13.79 -22.99
C LEU E 63 0.10 14.37 -23.89
N GLU E 64 -0.73 13.53 -24.50
CA GLU E 64 -1.77 14.12 -25.32
C GLU E 64 -2.93 14.65 -24.50
N LEU E 65 -3.40 13.83 -23.58
CA LEU E 65 -4.51 14.16 -22.71
C LEU E 65 -4.19 15.42 -21.90
N ALA E 66 -2.89 15.59 -21.63
CA ALA E 66 -2.41 16.74 -20.88
C ALA E 66 -2.38 17.99 -21.76
N GLY E 67 -1.75 17.88 -22.94
CA GLY E 67 -1.71 18.96 -23.91
C GLY E 67 -3.09 19.47 -24.32
N ASN E 68 -4.05 18.56 -24.31
CA ASN E 68 -5.40 18.97 -24.57
C ASN E 68 -5.75 19.99 -23.53
N ALA E 69 -5.62 19.58 -22.27
CA ALA E 69 -6.03 20.46 -21.19
C ALA E 69 -5.16 21.72 -21.20
N ALA E 70 -3.96 21.63 -21.75
CA ALA E 70 -3.10 22.80 -21.90
C ALA E 70 -3.73 23.80 -22.83
N ARG E 71 -4.31 23.28 -23.92
CA ARG E 71 -4.93 24.13 -24.94
C ARG E 71 -6.38 24.47 -24.61
N ASP E 72 -7.07 23.68 -23.78
CA ASP E 72 -8.38 24.15 -23.32
C ASP E 72 -8.16 25.41 -22.55
N ASN E 73 -7.09 25.39 -21.75
CA ASN E 73 -6.70 26.50 -20.87
C ASN E 73 -6.05 27.68 -21.60
N LYS E 74 -6.03 27.63 -22.93
CA LYS E 74 -5.50 28.74 -23.72
C LYS E 74 -4.00 28.99 -23.46
N LYS E 75 -3.26 27.91 -23.19
CA LYS E 75 -1.81 28.01 -23.03
C LYS E 75 -0.97 27.02 -23.88
N THR E 76 0.16 27.54 -24.35
CA THR E 76 1.20 26.90 -25.18
C THR E 76 1.99 25.83 -24.45
N ARG E 77 2.07 25.97 -23.13
CA ARG E 77 2.98 25.19 -22.31
C ARG E 77 2.30 24.41 -21.20
N ILE E 78 2.69 23.15 -21.07
CA ILE E 78 2.11 22.26 -20.11
C ILE E 78 2.60 22.59 -18.72
N THR E 79 1.68 22.91 -17.83
CA THR E 79 2.05 23.14 -16.45
C THR E 79 1.73 21.84 -15.72
N PRO E 80 2.29 21.64 -14.50
CA PRO E 80 1.91 20.42 -13.76
C PRO E 80 0.40 20.37 -13.54
N ARG E 81 -0.19 21.56 -13.41
CA ARG E 81 -1.63 21.71 -13.32
C ARG E 81 -2.32 20.86 -14.34
N HIS E 82 -1.98 21.11 -15.62
CA HIS E 82 -2.62 20.46 -16.77
C HIS E 82 -2.46 18.95 -16.67
N LEU E 83 -1.25 18.54 -16.27
CA LEU E 83 -0.97 17.13 -16.10
C LEU E 83 -1.90 16.52 -15.05
N GLN E 84 -2.28 17.34 -14.09
CA GLN E 84 -3.18 16.85 -13.09
C GLN E 84 -4.58 16.69 -13.64
N LEU E 85 -5.08 17.74 -14.28
CA LEU E 85 -6.36 17.73 -14.96
C LEU E 85 -6.46 16.54 -15.90
N ALA E 86 -5.35 16.28 -16.58
CA ALA E 86 -5.22 15.09 -17.42
C ALA E 86 -5.39 13.82 -16.59
N ILE E 87 -4.50 13.60 -15.64
CA ILE E 87 -4.45 12.32 -14.97
C ILE E 87 -5.77 12.03 -14.23
N ARG E 88 -6.36 13.08 -13.67
CA ARG E 88 -7.53 12.85 -12.83
C ARG E 88 -8.82 12.74 -13.65
N ASN E 89 -8.89 13.44 -14.77
CA ASN E 89 -10.14 13.37 -15.54
C ASN E 89 -10.17 12.11 -16.37
N ASP E 90 -8.99 11.61 -16.79
CA ASP E 90 -8.96 10.35 -17.52
C ASP E 90 -9.00 9.27 -16.50
N GLU E 91 -9.84 8.28 -16.73
CA GLU E 91 -10.14 7.41 -15.62
C GLU E 91 -9.24 6.19 -15.55
N GLU E 92 -8.71 5.75 -16.67
CA GLU E 92 -7.77 4.63 -16.61
C GLU E 92 -6.39 5.13 -16.14
N LEU E 93 -6.10 6.37 -16.46
CA LEU E 93 -4.88 7.00 -16.04
C LEU E 93 -5.04 7.42 -14.58
N ASN E 94 -6.28 7.44 -14.09
CA ASN E 94 -6.57 7.93 -12.76
C ASN E 94 -5.92 6.89 -11.88
N LYS E 95 -6.08 5.64 -12.31
CA LYS E 95 -6.09 4.50 -11.42
C LYS E 95 -4.70 4.00 -11.26
N LEU E 96 -3.94 4.19 -12.31
CA LEU E 96 -2.55 3.87 -12.33
C LEU E 96 -1.84 4.89 -11.47
N LEU E 97 -2.42 6.08 -11.35
CA LEU E 97 -1.80 7.16 -10.61
C LEU E 97 -2.60 7.65 -9.38
N GLY E 98 -3.33 6.73 -8.75
CA GLY E 98 -4.20 7.09 -7.65
C GLY E 98 -3.41 7.48 -6.41
N ARG E 99 -2.38 6.69 -6.14
CA ARG E 99 -1.64 6.81 -4.91
C ARG E 99 -0.38 7.66 -5.16
N VAL E 100 -0.46 8.54 -6.17
CA VAL E 100 0.63 9.43 -6.51
C VAL E 100 0.19 10.87 -6.38
N THR E 101 1.03 11.74 -5.85
CA THR E 101 0.68 13.16 -5.76
C THR E 101 1.40 14.03 -6.80
N ILE E 102 0.67 14.79 -7.60
CA ILE E 102 1.37 15.63 -8.57
C ILE E 102 1.64 17.00 -7.97
N ALA E 103 2.92 17.27 -7.68
CA ALA E 103 3.35 18.56 -7.18
C ALA E 103 2.77 19.72 -7.99
N GLN E 104 2.46 20.81 -7.30
CA GLN E 104 1.91 21.99 -7.95
C GLN E 104 0.65 21.72 -8.81
N GLY E 105 -0.05 20.62 -8.51
CA GLY E 105 -1.13 20.12 -9.33
C GLY E 105 -2.53 20.67 -9.13
N GLY E 106 -2.97 20.87 -7.90
CA GLY E 106 -4.34 21.31 -7.65
C GLY E 106 -5.29 20.12 -7.45
N VAL E 107 -6.58 20.39 -7.31
CA VAL E 107 -7.56 19.31 -7.40
C VAL E 107 -8.46 19.45 -8.63
N LEU E 108 -9.23 18.43 -8.97
CA LEU E 108 -10.31 18.71 -9.91
C LEU E 108 -11.36 19.54 -9.19
N PRO E 109 -11.87 20.56 -9.90
CA PRO E 109 -13.02 21.35 -9.48
C PRO E 109 -14.15 20.40 -9.23
N ASN E 110 -14.66 20.38 -8.02
CA ASN E 110 -15.75 19.51 -7.67
C ASN E 110 -16.45 20.00 -6.41
N ILE E 111 -17.72 20.36 -6.53
CA ILE E 111 -18.51 20.70 -5.36
C ILE E 111 -19.56 19.62 -5.18
N GLN E 112 -19.80 19.25 -3.94
CA GLN E 112 -20.83 18.30 -3.63
C GLN E 112 -22.20 18.85 -3.94
N ALA E 113 -23.07 17.99 -4.47
CA ALA E 113 -24.43 18.40 -4.82
C ALA E 113 -25.15 19.19 -3.69
N VAL E 114 -25.19 18.62 -2.49
CA VAL E 114 -26.00 19.20 -1.42
C VAL E 114 -25.49 20.55 -0.96
N LEU E 115 -24.28 20.92 -1.37
CA LEU E 115 -23.69 22.12 -0.81
C LEU E 115 -24.12 23.36 -1.56
N LEU E 116 -24.51 23.18 -2.82
CA LEU E 116 -24.88 24.31 -3.66
C LEU E 116 -26.20 24.91 -3.22
N PRO E 117 -26.27 26.25 -3.27
CA PRO E 117 -27.51 26.93 -2.89
C PRO E 117 -28.60 26.52 -3.81
N LYS E 118 -29.81 26.37 -3.28
CA LYS E 118 -31.02 25.82 -3.95
C LYS E 118 -31.98 25.28 -2.90
N SER F 31 27.33 16.83 -11.19
CA SER F 31 27.86 16.73 -12.52
C SER F 31 27.43 15.40 -13.11
N ARG F 32 26.95 15.44 -14.33
CA ARG F 32 26.51 14.22 -15.00
C ARG F 32 25.10 13.75 -14.73
N LYS F 33 24.25 14.55 -14.12
CA LYS F 33 22.91 14.08 -13.87
C LYS F 33 22.21 13.76 -15.18
N GLU F 34 21.58 12.60 -15.29
CA GLU F 34 20.88 12.23 -16.51
C GLU F 34 19.43 12.01 -16.25
N SER F 35 18.65 12.27 -17.29
CA SER F 35 17.19 12.33 -17.21
C SER F 35 16.50 11.56 -18.35
N TYR F 36 15.16 11.60 -18.41
CA TYR F 36 14.45 11.15 -19.61
C TYR F 36 13.91 12.35 -20.36
N SER F 37 14.27 13.55 -19.95
CA SER F 37 13.60 14.73 -20.49
C SER F 37 13.73 14.94 -22.02
N ILE F 38 14.85 14.56 -22.65
CA ILE F 38 14.89 14.68 -24.11
C ILE F 38 13.81 13.79 -24.73
N TYR F 39 13.68 12.56 -24.27
CA TYR F 39 12.72 11.62 -24.84
C TYR F 39 11.28 12.06 -24.64
N VAL F 40 11.00 12.69 -23.50
CA VAL F 40 9.70 13.24 -23.31
C VAL F 40 9.53 14.36 -24.32
N TYR F 41 10.56 15.19 -24.50
CA TYR F 41 10.39 16.30 -25.40
C TYR F 41 10.20 15.79 -26.81
N LYS F 42 10.88 14.70 -27.15
CA LYS F 42 10.72 14.12 -28.47
C LYS F 42 9.27 13.72 -28.63
N VAL F 43 8.81 12.82 -27.77
CA VAL F 43 7.43 12.35 -27.78
C VAL F 43 6.45 13.51 -27.56
N LEU F 44 6.92 14.64 -27.06
CA LEU F 44 5.97 15.72 -26.88
C LEU F 44 5.70 16.38 -28.25
N LYS F 45 6.74 16.56 -29.05
CA LYS F 45 6.54 17.18 -30.35
C LYS F 45 5.82 16.20 -31.30
N GLN F 46 5.82 14.92 -30.97
CA GLN F 46 5.09 14.00 -31.82
C GLN F 46 3.59 14.21 -31.66
N VAL F 47 3.08 14.31 -30.43
CA VAL F 47 1.63 14.38 -30.31
C VAL F 47 1.07 15.81 -30.26
N HIS F 48 1.88 16.80 -29.88
CA HIS F 48 1.42 18.20 -29.92
C HIS F 48 2.42 19.21 -30.46
N PRO F 49 2.76 19.08 -31.70
CA PRO F 49 3.88 19.82 -32.32
C PRO F 49 4.02 21.29 -31.94
N ASP F 50 2.91 21.96 -31.68
CA ASP F 50 3.00 23.35 -31.25
C ASP F 50 2.76 23.60 -29.77
N THR F 51 2.84 22.54 -28.98
CA THR F 51 2.73 22.63 -27.52
C THR F 51 4.07 22.33 -26.87
N GLY F 52 4.40 23.05 -25.80
CA GLY F 52 5.64 22.78 -25.11
C GLY F 52 5.43 22.43 -23.64
N ILE F 53 6.51 22.36 -22.86
CA ILE F 53 6.37 21.86 -21.50
C ILE F 53 7.26 22.65 -20.54
N SER F 54 6.66 23.11 -19.43
CA SER F 54 7.37 23.80 -18.34
C SER F 54 8.36 22.89 -17.64
N SER F 55 9.40 23.49 -17.07
CA SER F 55 10.47 22.71 -16.42
C SER F 55 9.95 21.94 -15.21
N LYS F 56 8.93 22.48 -14.53
CA LYS F 56 8.44 21.74 -13.38
C LYS F 56 7.50 20.65 -13.82
N ALA F 57 6.88 20.88 -14.96
CA ALA F 57 6.02 19.85 -15.58
C ALA F 57 6.83 18.76 -16.22
N MET F 58 7.97 19.14 -16.79
CA MET F 58 8.90 18.18 -17.33
C MET F 58 9.40 17.32 -16.19
N GLY F 59 9.58 17.96 -15.03
CA GLY F 59 10.07 17.24 -13.89
C GLY F 59 9.09 16.13 -13.62
N ILE F 60 7.84 16.51 -13.42
CA ILE F 60 6.84 15.53 -13.06
C ILE F 60 6.80 14.37 -14.05
N MET F 61 6.94 14.68 -15.33
CA MET F 61 6.95 13.64 -16.34
C MET F 61 8.03 12.60 -16.07
N ASN F 62 9.18 13.04 -15.54
CA ASN F 62 10.28 12.12 -15.23
C ASN F 62 9.95 11.14 -14.18
N SER F 63 9.41 11.69 -13.11
CA SER F 63 9.03 10.91 -11.98
C SER F 63 8.01 9.88 -12.47
N PHE F 64 7.15 10.31 -13.42
CA PHE F 64 6.15 9.42 -13.96
C PHE F 64 6.82 8.28 -14.67
N VAL F 65 7.81 8.63 -15.50
CA VAL F 65 8.55 7.61 -16.22
C VAL F 65 9.23 6.66 -15.24
N ASN F 66 9.93 7.24 -14.25
CA ASN F 66 10.77 6.43 -13.36
C ASN F 66 9.91 5.55 -12.52
N ASP F 67 8.87 6.09 -11.90
CA ASP F 67 7.94 5.26 -11.17
C ASP F 67 7.45 4.06 -12.01
N ILE F 68 6.80 4.38 -13.12
CA ILE F 68 6.27 3.37 -14.02
C ILE F 68 7.33 2.33 -14.34
N PHE F 69 8.57 2.80 -14.47
CA PHE F 69 9.67 1.90 -14.77
C PHE F 69 9.89 0.82 -13.67
N GLU F 70 10.06 1.18 -12.38
CA GLU F 70 10.34 0.12 -11.36
C GLU F 70 9.17 -0.78 -11.18
N ARG F 71 7.97 -0.22 -11.10
CA ARG F 71 6.84 -1.08 -10.87
C ARG F 71 6.85 -2.23 -11.86
N ILE F 72 6.93 -1.87 -13.15
CA ILE F 72 6.99 -2.87 -14.20
C ILE F 72 8.22 -3.73 -14.00
N ALA F 73 9.39 -3.09 -13.88
CA ALA F 73 10.63 -3.84 -13.75
C ALA F 73 10.59 -4.71 -12.48
N GLY F 74 10.12 -4.15 -11.36
CA GLY F 74 9.97 -4.90 -10.14
C GLY F 74 9.01 -6.08 -10.27
N GLU F 75 7.79 -5.82 -10.74
CA GLU F 75 6.77 -6.87 -10.89
C GLU F 75 7.23 -7.98 -11.83
N ALA F 76 8.06 -7.60 -12.79
CA ALA F 76 8.69 -8.58 -13.62
C ALA F 76 9.67 -9.41 -12.79
N SER F 77 10.51 -8.69 -12.05
CA SER F 77 11.54 -9.32 -11.24
C SER F 77 11.01 -10.44 -10.37
N ARG F 78 9.86 -10.26 -9.76
CA ARG F 78 9.46 -11.31 -8.85
C ARG F 78 8.75 -12.41 -9.61
N LEU F 79 8.26 -12.08 -10.79
CA LEU F 79 7.68 -13.12 -11.64
C LEU F 79 8.71 -14.16 -11.98
N ALA F 80 9.84 -13.71 -12.51
CA ALA F 80 10.90 -14.63 -12.86
C ALA F 80 11.18 -15.48 -11.64
N HIS F 81 11.18 -14.84 -10.48
CA HIS F 81 11.53 -15.47 -9.21
C HIS F 81 10.46 -16.44 -8.75
N TYR F 82 9.18 -16.12 -8.95
CA TYR F 82 8.14 -17.09 -8.60
C TYR F 82 8.26 -18.35 -9.46
N ASN F 83 8.73 -18.17 -10.70
CA ASN F 83 8.83 -19.28 -11.65
C ASN F 83 10.23 -19.89 -11.69
N LYS F 84 11.02 -19.61 -10.65
CA LYS F 84 12.37 -20.18 -10.53
C LYS F 84 13.23 -20.06 -11.76
N ARG F 85 12.97 -19.06 -12.58
CA ARG F 85 13.83 -18.87 -13.74
C ARG F 85 14.66 -17.61 -13.53
N SER F 86 15.91 -17.63 -14.00
CA SER F 86 16.91 -16.62 -13.61
C SER F 86 16.91 -15.32 -14.39
N THR F 87 16.19 -15.29 -15.51
CA THR F 87 16.23 -14.18 -16.47
C THR F 87 14.90 -13.46 -16.62
N ILE F 88 14.95 -12.16 -16.90
CA ILE F 88 13.77 -11.43 -17.34
C ILE F 88 13.70 -11.33 -18.87
N THR F 89 12.77 -12.05 -19.49
CA THR F 89 12.56 -11.91 -20.92
C THR F 89 11.51 -10.87 -21.18
N SER F 90 11.35 -10.50 -22.44
CA SER F 90 10.20 -9.70 -22.84
C SER F 90 8.90 -10.26 -22.32
N ARG F 91 8.81 -11.57 -22.17
CA ARG F 91 7.56 -12.14 -21.71
C ARG F 91 7.24 -11.66 -20.28
N GLU F 92 8.26 -11.56 -19.45
CA GLU F 92 8.08 -11.07 -18.09
C GLU F 92 7.67 -9.60 -18.07
N ILE F 93 8.34 -8.79 -18.88
CA ILE F 93 7.99 -7.38 -18.99
C ILE F 93 6.52 -7.31 -19.37
N GLN F 94 6.07 -8.25 -20.19
CA GLN F 94 4.69 -8.23 -20.62
C GLN F 94 3.67 -8.59 -19.55
N THR F 95 3.79 -9.80 -18.99
CA THR F 95 2.86 -10.24 -17.94
C THR F 95 2.85 -9.21 -16.85
N ALA F 96 4.01 -8.59 -16.64
CA ALA F 96 4.14 -7.42 -15.79
C ALA F 96 3.15 -6.34 -16.18
N VAL F 97 3.24 -5.94 -17.44
CA VAL F 97 2.35 -4.90 -17.95
C VAL F 97 0.89 -5.34 -17.82
N ARG F 98 0.65 -6.60 -18.14
CA ARG F 98 -0.70 -7.12 -18.05
C ARG F 98 -1.22 -6.95 -16.63
N LEU F 99 -0.34 -7.22 -15.66
CA LEU F 99 -0.71 -7.21 -14.23
C LEU F 99 -0.96 -5.83 -13.68
N LEU F 100 -0.09 -4.89 -14.04
CA LEU F 100 -0.02 -3.58 -13.42
C LEU F 100 -0.76 -2.41 -14.13
N LEU F 101 -0.92 -2.49 -15.45
CA LEU F 101 -1.69 -1.45 -16.16
C LEU F 101 -3.16 -1.84 -16.19
N PRO F 102 -4.05 -0.86 -16.02
CA PRO F 102 -5.47 -1.17 -16.07
C PRO F 102 -5.96 -1.24 -17.51
N GLY F 103 -6.79 -2.23 -17.79
CA GLY F 103 -7.60 -2.22 -19.00
C GLY F 103 -6.94 -1.88 -20.33
N GLU F 104 -7.40 -0.80 -20.91
CA GLU F 104 -7.10 -0.51 -22.30
C GLU F 104 -5.73 0.07 -22.54
N LEU F 105 -5.17 0.77 -21.56
CA LEU F 105 -3.83 1.24 -21.85
C LEU F 105 -2.91 0.11 -21.53
N ALA F 106 -3.41 -0.88 -20.80
CA ALA F 106 -2.63 -2.13 -20.67
C ALA F 106 -2.62 -2.77 -22.05
N LYS F 107 -3.74 -2.68 -22.75
CA LYS F 107 -3.90 -3.42 -23.98
C LYS F 107 -3.19 -2.72 -25.13
N HIS F 108 -3.30 -1.41 -25.21
CA HIS F 108 -2.50 -0.65 -26.17
C HIS F 108 -1.01 -0.68 -25.81
N ALA F 109 -0.68 -1.16 -24.63
CA ALA F 109 0.74 -1.20 -24.29
C ALA F 109 1.36 -2.45 -24.88
N VAL F 110 0.81 -3.60 -24.50
CA VAL F 110 1.23 -4.90 -25.03
C VAL F 110 1.27 -4.80 -26.58
N SER F 111 0.27 -4.15 -27.16
CA SER F 111 0.21 -3.90 -28.59
C SER F 111 1.43 -3.12 -29.01
N GLU F 112 1.52 -1.88 -28.54
CA GLU F 112 2.54 -0.92 -28.94
C GLU F 112 3.90 -1.45 -28.54
N GLY F 113 3.84 -2.41 -27.63
CA GLY F 113 5.02 -2.99 -27.06
C GLY F 113 5.51 -4.25 -27.69
N THR F 114 4.60 -5.24 -27.83
CA THR F 114 5.07 -6.58 -28.22
C THR F 114 5.83 -6.46 -29.46
N LYS F 115 5.37 -5.64 -30.39
CA LYS F 115 6.24 -5.54 -31.53
C LYS F 115 6.90 -4.19 -31.75
N ALA F 116 7.37 -3.59 -30.66
CA ALA F 116 8.53 -2.72 -30.73
C ALA F 116 9.69 -3.70 -30.93
N VAL F 117 9.41 -4.92 -30.47
CA VAL F 117 10.37 -6.04 -30.34
C VAL F 117 10.61 -6.84 -31.64
N THR F 118 9.59 -7.10 -32.47
CA THR F 118 9.91 -7.69 -33.77
C THR F 118 10.56 -6.71 -34.69
N LYS F 119 10.14 -5.45 -34.66
CA LYS F 119 10.81 -4.50 -35.51
C LYS F 119 12.29 -4.57 -35.18
N TYR F 120 12.59 -4.92 -33.94
CA TYR F 120 13.96 -5.12 -33.51
C TYR F 120 14.50 -6.51 -33.95
N THR F 121 13.72 -7.58 -33.80
CA THR F 121 14.18 -8.91 -34.19
C THR F 121 13.97 -9.24 -35.68
N SER F 122 13.30 -8.36 -36.42
CA SER F 122 13.13 -8.58 -37.85
C SER F 122 14.19 -7.82 -38.62
N SER F 123 14.87 -6.88 -37.97
CA SER F 123 16.16 -6.43 -38.47
C SER F 123 17.27 -7.28 -37.80
N LYS F 124 18.49 -7.21 -38.31
CA LYS F 124 19.56 -8.10 -37.82
C LYS F 124 20.94 -7.46 -37.81
N LYS G 37 -27.63 50.46 5.55
CA LYS G 37 -27.54 50.87 4.16
C LYS G 37 -26.49 50.04 3.50
N PRO G 38 -25.61 49.44 4.30
CA PRO G 38 -24.50 48.69 3.74
C PRO G 38 -24.47 47.24 4.13
N HIS G 39 -24.50 46.37 3.13
CA HIS G 39 -24.17 44.96 3.24
C HIS G 39 -23.81 44.39 1.92
N ARG G 40 -23.16 43.25 1.95
CA ARG G 40 -22.95 42.47 0.80
C ARG G 40 -23.52 41.03 0.68
N TYR G 41 -22.92 40.04 1.34
CA TYR G 41 -23.37 38.66 1.14
C TYR G 41 -23.87 37.85 2.31
N ARG G 42 -24.76 36.90 2.00
CA ARG G 42 -25.36 36.01 2.99
C ARG G 42 -24.42 34.93 3.41
N PRO G 43 -24.63 34.38 4.59
CA PRO G 43 -23.76 33.37 5.12
C PRO G 43 -23.78 32.14 4.27
N GLY G 44 -22.61 31.61 4.01
CA GLY G 44 -22.49 30.40 3.23
C GLY G 44 -22.10 30.76 1.81
N THR G 45 -22.41 31.97 1.38
CA THR G 45 -22.29 32.28 -0.05
C THR G 45 -20.86 32.54 -0.52
N VAL G 46 -20.05 33.27 0.25
CA VAL G 46 -18.62 33.36 -0.06
C VAL G 46 -17.91 32.02 0.18
N ALA G 47 -18.41 31.19 1.09
CA ALA G 47 -17.81 29.88 1.33
C ALA G 47 -17.62 29.16 0.00
N LEU G 48 -18.71 29.01 -0.74
CA LEU G 48 -18.66 28.41 -2.07
C LEU G 48 -17.73 29.22 -2.95
N ARG G 49 -17.92 30.53 -2.95
CA ARG G 49 -17.08 31.44 -3.75
C ARG G 49 -15.59 31.18 -3.56
N GLU G 50 -15.15 30.89 -2.33
CA GLU G 50 -13.73 30.55 -2.15
C GLU G 50 -13.44 29.07 -2.55
N ILE G 51 -14.37 28.13 -2.35
CA ILE G 51 -14.14 26.76 -2.80
C ILE G 51 -13.77 26.80 -4.26
N ARG G 52 -14.52 27.60 -5.02
CA ARG G 52 -14.23 27.66 -6.43
C ARG G 52 -12.91 28.40 -6.66
N ARG G 53 -12.56 29.36 -5.81
CA ARG G 53 -11.30 30.11 -5.99
C ARG G 53 -10.06 29.25 -5.79
N TYR G 54 -10.08 28.41 -4.76
CA TYR G 54 -8.93 27.60 -4.43
C TYR G 54 -8.81 26.31 -5.23
N GLN G 55 -9.96 25.75 -5.64
CA GLN G 55 -9.95 24.55 -6.46
C GLN G 55 -9.42 24.92 -7.82
N LYS G 56 -9.54 26.18 -8.15
CA LYS G 56 -9.07 26.65 -9.44
C LYS G 56 -7.56 26.81 -9.40
N SER G 57 -6.99 27.15 -8.25
CA SER G 57 -5.53 27.40 -8.14
C SER G 57 -4.67 26.19 -7.74
N THR G 58 -3.36 26.43 -7.65
CA THR G 58 -2.40 25.37 -7.28
C THR G 58 -1.41 25.81 -6.19
N GLU G 59 -1.52 27.07 -5.79
CA GLU G 59 -0.62 27.67 -4.85
C GLU G 59 -0.71 26.87 -3.58
N LEU G 60 0.40 26.89 -2.82
CA LEU G 60 0.46 26.35 -1.47
C LEU G 60 -0.32 27.28 -0.57
N LEU G 61 -0.91 26.73 0.49
CA LEU G 61 -1.85 27.50 1.30
C LEU G 61 -1.36 27.81 2.73
N ILE G 62 -0.55 26.92 3.26
CA ILE G 62 0.18 27.18 4.48
C ILE G 62 1.27 28.21 4.17
N ARG G 63 1.67 29.01 5.15
CA ARG G 63 2.66 30.04 4.86
C ARG G 63 4.01 29.46 5.05
N LYS G 64 4.97 30.07 4.36
CA LYS G 64 6.14 29.31 4.03
C LYS G 64 7.04 29.21 5.21
N LEU G 65 7.22 30.33 5.89
CA LEU G 65 8.15 30.36 6.97
C LEU G 65 7.52 29.70 8.18
N PRO G 66 6.20 29.92 8.43
CA PRO G 66 5.65 29.08 9.48
C PRO G 66 5.80 27.59 9.21
N PHE G 67 5.61 27.15 7.98
CA PHE G 67 5.73 25.72 7.78
C PHE G 67 7.15 25.31 8.13
N GLN G 68 8.11 26.01 7.52
CA GLN G 68 9.51 25.64 7.68
C GLN G 68 9.95 25.51 9.14
N ARG G 69 9.60 26.49 9.95
CA ARG G 69 9.97 26.43 11.36
C ARG G 69 9.45 25.14 11.95
N LEU G 70 8.16 24.90 11.83
CA LEU G 70 7.55 23.69 12.33
C LEU G 70 8.33 22.46 11.89
N VAL G 71 8.72 22.44 10.62
CA VAL G 71 9.45 21.30 10.07
C VAL G 71 10.75 21.13 10.78
N ARG G 72 11.44 22.25 10.94
CA ARG G 72 12.76 22.24 11.54
C ARG G 72 12.65 21.79 12.99
N GLU G 73 11.61 22.25 13.66
CA GLU G 73 11.36 21.83 15.02
C GLU G 73 11.14 20.33 15.14
N ILE G 74 10.25 19.78 14.33
CA ILE G 74 9.95 18.35 14.43
C ILE G 74 11.22 17.57 14.14
N ALA G 75 12.06 18.14 13.29
CA ALA G 75 13.27 17.48 12.85
C ALA G 75 14.22 17.49 13.96
N GLN G 76 14.55 18.69 14.40
CA GLN G 76 15.49 18.89 15.47
C GLN G 76 15.10 18.02 16.64
N ASP G 77 13.82 17.97 16.96
CA ASP G 77 13.40 17.08 18.03
C ASP G 77 13.59 15.61 17.68
N PHE G 78 14.00 15.31 16.46
CA PHE G 78 14.13 13.92 16.04
C PHE G 78 15.59 13.49 15.98
N LYS G 79 16.40 14.33 15.35
CA LYS G 79 17.82 14.26 15.49
C LYS G 79 18.29 15.71 15.40
N THR G 80 19.20 16.05 16.27
CA THR G 80 19.65 17.42 16.39
C THR G 80 20.47 17.84 15.19
N ASP G 81 20.60 19.15 15.04
CA ASP G 81 21.75 19.67 14.33
C ASP G 81 21.74 19.32 12.85
N LEU G 82 20.55 19.26 12.26
CA LEU G 82 20.31 18.91 10.87
C LEU G 82 20.23 20.12 9.99
N ARG G 83 20.62 19.98 8.72
CA ARG G 83 20.16 20.97 7.74
C ARG G 83 19.23 20.42 6.67
N PHE G 84 18.70 21.35 5.87
CA PHE G 84 17.62 21.08 4.94
C PHE G 84 17.77 21.82 3.64
N GLN G 85 17.62 21.08 2.55
CA GLN G 85 17.54 21.63 1.21
C GLN G 85 16.23 22.38 1.08
N SER G 86 16.29 23.59 0.55
CA SER G 86 15.07 24.38 0.29
C SER G 86 14.12 23.45 -0.41
N SER G 87 14.73 22.71 -1.32
CA SER G 87 14.05 21.67 -2.06
C SER G 87 13.30 20.68 -1.16
N ALA G 88 13.95 20.20 -0.11
CA ALA G 88 13.29 19.19 0.68
C ALA G 88 12.17 19.72 1.58
N VAL G 89 12.12 21.03 1.78
CA VAL G 89 11.02 21.54 2.61
C VAL G 89 9.75 21.59 1.77
N MET G 90 9.87 22.16 0.57
CA MET G 90 8.74 22.19 -0.34
C MET G 90 8.25 20.80 -0.60
N ALA G 91 9.19 19.87 -0.76
CA ALA G 91 8.83 18.48 -0.88
C ALA G 91 7.83 18.14 0.22
N LEU G 92 8.15 18.54 1.44
CA LEU G 92 7.29 18.21 2.55
C LEU G 92 6.01 19.04 2.50
N GLN G 93 6.12 20.33 2.22
CA GLN G 93 4.91 21.15 2.29
C GLN G 93 3.94 20.73 1.15
N GLU G 94 4.48 20.39 -0.03
CA GLU G 94 3.64 19.92 -1.14
C GLU G 94 2.94 18.65 -0.73
N ALA G 95 3.70 17.75 -0.13
CA ALA G 95 3.19 16.46 0.30
C ALA G 95 2.09 16.62 1.32
N CYS G 96 2.30 17.57 2.24
CA CYS G 96 1.38 17.77 3.37
C CYS G 96 0.03 18.28 2.89
N GLU G 97 0.09 19.40 2.18
CA GLU G 97 -1.10 20.06 1.76
C GLU G 97 -1.90 19.03 0.93
N ALA G 98 -1.19 18.30 0.05
CA ALA G 98 -1.82 17.21 -0.66
C ALA G 98 -2.53 16.28 0.33
N TYR G 99 -1.81 15.76 1.32
CA TYR G 99 -2.43 14.86 2.31
C TYR G 99 -3.65 15.45 2.98
N LEU G 100 -3.48 16.63 3.57
CA LEU G 100 -4.54 17.23 4.34
C LEU G 100 -5.82 17.51 3.52
N VAL G 101 -5.63 18.10 2.33
CA VAL G 101 -6.75 18.44 1.44
C VAL G 101 -7.49 17.17 1.11
N GLY G 102 -6.75 16.13 0.77
CA GLY G 102 -7.37 14.88 0.39
C GLY G 102 -8.20 14.25 1.48
N LEU G 103 -7.84 14.53 2.71
CA LEU G 103 -8.59 14.04 3.85
C LEU G 103 -9.87 14.87 4.00
N PHE G 104 -9.74 16.18 3.77
CA PHE G 104 -10.85 17.10 3.94
C PHE G 104 -12.09 16.75 3.10
N GLU G 105 -11.88 16.38 1.83
CA GLU G 105 -12.98 15.89 1.00
C GLU G 105 -13.49 14.57 1.57
N ASP G 106 -12.58 13.67 1.95
CA ASP G 106 -12.99 12.42 2.60
C ASP G 106 -13.79 12.77 3.86
N THR G 107 -13.39 13.86 4.51
CA THR G 107 -14.09 14.29 5.69
C THR G 107 -15.46 14.80 5.26
N ASN G 108 -15.47 15.73 4.33
CA ASN G 108 -16.70 16.33 3.82
C ASN G 108 -17.72 15.29 3.36
N LEU G 109 -17.25 14.21 2.73
CA LEU G 109 -18.17 13.14 2.40
C LEU G 109 -18.79 12.57 3.68
N CYS G 110 -18.01 12.47 4.75
CA CYS G 110 -18.54 11.97 6.02
C CYS G 110 -19.52 12.91 6.71
N ALA G 111 -19.31 14.21 6.54
CA ALA G 111 -20.24 15.18 7.12
C ALA G 111 -21.57 15.13 6.36
N ILE G 112 -21.47 15.11 5.03
CA ILE G 112 -22.64 15.04 4.18
C ILE G 112 -23.36 13.69 4.33
N HIS G 113 -22.61 12.65 4.69
CA HIS G 113 -23.25 11.35 4.89
C HIS G 113 -24.20 11.36 6.07
N ALA G 114 -23.99 12.30 6.98
CA ALA G 114 -24.71 12.29 8.24
C ALA G 114 -25.63 13.47 8.27
N LYS G 115 -26.13 13.78 7.09
CA LYS G 115 -27.08 14.86 6.91
C LYS G 115 -26.58 16.16 7.53
N ARG G 116 -25.28 16.29 7.70
CA ARG G 116 -24.72 17.55 8.15
C ARG G 116 -24.02 18.17 6.96
N VAL G 117 -23.59 19.42 7.11
CA VAL G 117 -22.98 20.15 6.02
C VAL G 117 -21.67 20.79 6.51
N THR G 118 -21.44 20.63 7.81
CA THR G 118 -20.26 21.18 8.46
C THR G 118 -19.34 20.06 8.99
N ILE G 119 -18.07 20.14 8.65
CA ILE G 119 -17.15 19.12 9.12
C ILE G 119 -16.83 19.30 10.62
N MET G 120 -16.80 18.16 11.33
CA MET G 120 -16.48 18.13 12.73
C MET G 120 -15.40 17.11 12.96
N PRO G 121 -14.77 17.13 14.14
CA PRO G 121 -13.80 16.10 14.45
C PRO G 121 -14.37 14.71 14.26
N LYS G 122 -15.60 14.56 14.71
CA LYS G 122 -16.34 13.31 14.60
C LYS G 122 -16.22 12.73 13.19
N ASP G 123 -16.11 13.63 12.21
CA ASP G 123 -15.94 13.26 10.83
C ASP G 123 -14.51 12.81 10.50
N ILE G 124 -13.51 13.66 10.85
CA ILE G 124 -12.11 13.37 10.54
C ILE G 124 -11.72 12.04 11.14
N GLN G 125 -12.23 11.75 12.33
CA GLN G 125 -11.85 10.49 12.95
C GLN G 125 -12.42 9.32 12.13
N LEU G 126 -13.64 9.46 11.64
CA LEU G 126 -14.21 8.41 10.82
C LEU G 126 -13.41 8.24 9.54
N ALA G 127 -13.03 9.35 8.91
CA ALA G 127 -12.20 9.30 7.72
C ALA G 127 -10.89 8.53 7.97
N ARG G 128 -10.17 8.89 9.02
CA ARG G 128 -8.88 8.25 9.20
C ARG G 128 -9.08 6.80 9.67
N ARG G 129 -10.16 6.51 10.38
CA ARG G 129 -10.35 5.14 10.80
C ARG G 129 -10.61 4.19 9.63
N ILE G 130 -11.30 4.67 8.62
CA ILE G 130 -11.66 3.85 7.47
C ILE G 130 -10.48 3.76 6.53
N ARG G 131 -9.81 4.89 6.35
CA ARG G 131 -8.54 4.94 5.63
C ARG G 131 -7.59 3.91 6.26
N GLY G 132 -7.70 3.73 7.57
CA GLY G 132 -6.91 2.73 8.26
C GLY G 132 -5.68 3.33 8.88
N GLU G 133 -5.63 4.65 8.92
CA GLU G 133 -4.45 5.36 9.39
C GLU G 133 -4.19 5.21 10.88
N ARG G 134 -5.17 4.72 11.61
CA ARG G 134 -4.97 4.53 13.02
C ARG G 134 -5.18 5.72 13.95
N ALA G 135 -5.69 6.80 13.40
CA ALA G 135 -5.91 7.99 14.20
C ALA G 135 -5.02 7.91 15.44
N LYS H 16 29.37 29.60 16.85
CA LYS H 16 29.21 30.03 18.23
C LYS H 16 27.95 30.86 18.38
N ARG H 17 27.02 30.75 17.44
CA ARG H 17 25.82 31.57 17.51
C ARG H 17 24.54 30.76 17.50
N HIS H 18 24.22 30.05 18.58
CA HIS H 18 22.95 29.31 18.52
C HIS H 18 21.55 29.70 18.88
N ARG H 19 20.73 29.96 17.88
CA ARG H 19 19.39 30.43 18.15
C ARG H 19 18.39 30.39 17.02
N LYS H 20 17.11 30.46 17.32
CA LYS H 20 16.62 30.66 18.64
C LYS H 20 15.76 29.48 18.86
N VAL H 21 15.38 29.22 20.09
CA VAL H 21 14.72 27.98 20.33
C VAL H 21 13.50 27.88 19.50
N LEU H 22 13.26 26.68 18.99
CA LEU H 22 12.09 26.44 18.19
C LEU H 22 11.26 25.73 19.18
N ARG H 23 10.12 26.30 19.50
CA ARG H 23 9.18 25.68 20.36
C ARG H 23 7.79 26.05 20.00
N ASP H 24 6.86 25.12 20.04
CA ASP H 24 5.47 25.47 19.69
C ASP H 24 5.16 26.10 18.31
N ASN H 25 5.73 25.58 17.23
CA ASN H 25 5.53 26.19 15.92
C ASN H 25 4.28 25.69 15.20
N ILE H 26 3.64 24.69 15.80
CA ILE H 26 2.42 24.12 15.26
C ILE H 26 1.30 25.15 15.19
N GLN H 27 1.34 26.16 16.02
CA GLN H 27 0.24 27.12 15.97
C GLN H 27 0.44 28.16 14.87
N GLY H 28 1.60 28.09 14.22
CA GLY H 28 1.80 28.91 13.04
C GLY H 28 0.96 28.41 11.85
N ILE H 29 0.52 27.16 11.89
CA ILE H 29 -0.42 26.70 10.91
C ILE H 29 -1.74 27.36 11.28
N THR H 30 -1.95 28.57 10.76
CA THR H 30 -3.03 29.44 11.19
C THR H 30 -4.40 28.91 10.86
N LYS H 31 -5.41 29.31 11.63
CA LYS H 31 -6.79 28.95 11.32
C LYS H 31 -7.19 29.35 9.88
N PRO H 32 -6.84 30.58 9.43
CA PRO H 32 -7.20 30.91 8.05
C PRO H 32 -6.62 29.94 7.01
N ALA H 33 -5.37 29.54 7.20
CA ALA H 33 -4.76 28.56 6.33
C ALA H 33 -5.43 27.20 6.43
N ILE H 34 -5.85 26.79 7.63
CA ILE H 34 -6.53 25.51 7.78
C ILE H 34 -7.82 25.54 6.96
N ARG H 35 -8.48 26.70 7.04
CA ARG H 35 -9.64 27.02 6.24
C ARG H 35 -9.33 26.83 4.77
N ARG H 36 -8.30 27.50 4.29
CA ARG H 36 -7.97 27.51 2.87
C ARG H 36 -7.77 26.10 2.29
N LEU H 37 -7.02 25.25 2.98
CA LEU H 37 -6.85 23.84 2.65
C LEU H 37 -8.22 23.19 2.56
N ALA H 38 -9.06 23.50 3.52
CA ALA H 38 -10.38 22.89 3.63
C ALA H 38 -11.30 23.27 2.49
N ARG H 39 -11.12 24.46 1.92
CA ARG H 39 -12.04 24.87 0.87
C ARG H 39 -11.66 24.08 -0.32
N ARG H 40 -10.39 24.12 -0.67
CA ARG H 40 -9.87 23.33 -1.77
C ARG H 40 -10.32 21.86 -1.63
N GLY H 41 -10.48 21.39 -0.41
CA GLY H 41 -11.02 20.05 -0.17
C GLY H 41 -12.52 20.02 -0.42
N GLY H 42 -13.07 21.20 -0.61
CA GLY H 42 -14.46 21.28 -0.96
C GLY H 42 -15.34 21.28 0.26
N VAL H 43 -15.00 22.03 1.29
CA VAL H 43 -15.81 22.03 2.50
C VAL H 43 -16.48 23.36 2.74
N LYS H 44 -17.81 23.33 2.81
CA LYS H 44 -18.60 24.55 2.93
C LYS H 44 -18.59 25.16 4.31
N ARG H 45 -18.54 24.33 5.33
CA ARG H 45 -18.65 24.88 6.67
C ARG H 45 -17.92 24.04 7.70
N ILE H 46 -17.22 24.71 8.60
CA ILE H 46 -16.34 24.00 9.49
C ILE H 46 -16.61 24.31 10.97
N SER H 47 -16.80 23.23 11.73
CA SER H 47 -16.96 23.29 13.16
C SER H 47 -15.74 23.97 13.79
N GLY H 48 -15.92 24.56 14.96
CA GLY H 48 -14.83 25.29 15.58
C GLY H 48 -13.74 24.35 16.09
N LEU H 49 -14.12 23.12 16.38
CA LEU H 49 -13.15 22.20 16.92
C LEU H 49 -12.18 21.72 15.87
N ILE H 50 -12.57 21.86 14.60
CA ILE H 50 -11.86 21.24 13.49
C ILE H 50 -10.40 21.65 13.45
N TYR H 51 -10.14 22.92 13.74
CA TYR H 51 -8.77 23.46 13.61
C TYR H 51 -7.74 22.78 14.49
N GLU H 52 -8.04 22.58 15.77
CA GLU H 52 -7.07 21.91 16.63
C GLU H 52 -6.91 20.48 16.14
N GLU H 53 -8.02 19.76 15.97
CA GLU H 53 -7.97 18.39 15.43
C GLU H 53 -7.05 18.26 14.25
N THR H 54 -7.18 19.19 13.32
CA THR H 54 -6.39 19.23 12.10
C THR H 54 -4.89 19.30 12.38
N ARG H 55 -4.54 20.25 13.25
CA ARG H 55 -3.16 20.47 13.69
C ARG H 55 -2.68 19.20 14.34
N GLY H 56 -3.63 18.52 14.98
CA GLY H 56 -3.38 17.23 15.57
C GLY H 56 -2.91 16.27 14.52
N VAL H 57 -3.69 16.21 13.43
CA VAL H 57 -3.47 15.25 12.37
C VAL H 57 -2.27 15.63 11.52
N LEU H 58 -2.09 16.93 11.28
CA LEU H 58 -0.96 17.37 10.47
C LEU H 58 0.36 16.91 11.07
N LYS H 59 0.52 17.18 12.38
CA LYS H 59 1.78 16.99 13.10
C LYS H 59 2.19 15.52 13.22
N VAL H 60 1.22 14.62 13.43
CA VAL H 60 1.48 13.18 13.35
C VAL H 60 2.03 12.83 11.95
N PHE H 61 1.29 13.27 10.93
CA PHE H 61 1.67 13.05 9.54
C PHE H 61 3.08 13.55 9.28
N LEU H 62 3.35 14.76 9.71
CA LEU H 62 4.61 15.36 9.37
C LEU H 62 5.75 14.75 10.20
N GLU H 63 5.42 14.28 11.41
CA GLU H 63 6.38 13.56 12.23
C GLU H 63 6.79 12.33 11.51
N ASN H 64 5.79 11.50 11.19
CA ASN H 64 6.03 10.18 10.66
C ASN H 64 6.83 10.17 9.37
N VAL H 65 6.56 11.16 8.55
CA VAL H 65 7.32 11.36 7.34
C VAL H 65 8.74 11.78 7.70
N ILE H 66 8.88 12.84 8.49
CA ILE H 66 10.21 13.36 8.80
C ILE H 66 11.04 12.33 9.59
N ARG H 67 10.37 11.53 10.41
CA ARG H 67 11.10 10.43 11.05
C ARG H 67 11.78 9.56 9.98
N ASP H 68 11.03 9.15 8.95
CA ASP H 68 11.64 8.30 7.93
C ASP H 68 12.61 9.06 7.04
N ALA H 69 12.29 10.31 6.74
CA ALA H 69 13.16 11.11 5.88
C ALA H 69 14.52 11.11 6.50
N VAL H 70 14.53 11.39 7.81
CA VAL H 70 15.75 11.54 8.60
C VAL H 70 16.52 10.23 8.79
N THR H 71 15.81 9.14 9.08
CA THR H 71 16.47 7.83 9.10
C THR H 71 17.19 7.57 7.79
N TYR H 72 16.63 8.07 6.69
CA TYR H 72 17.33 7.95 5.41
C TYR H 72 18.55 8.86 5.44
N THR H 73 18.41 10.05 6.02
CA THR H 73 19.54 10.96 6.03
C THR H 73 20.68 10.40 6.87
N GLU H 74 20.37 9.77 8.00
CA GLU H 74 21.49 9.37 8.85
C GLU H 74 22.11 8.08 8.32
N HIS H 75 21.31 7.15 7.81
CA HIS H 75 21.91 5.92 7.30
C HIS H 75 22.92 6.28 6.23
N ALA H 76 22.64 7.38 5.56
CA ALA H 76 23.45 7.85 4.44
C ALA H 76 24.58 8.73 4.96
N LYS H 77 24.63 8.82 6.26
CA LYS H 77 25.67 9.55 6.91
C LYS H 77 25.84 10.95 6.40
N ARG H 78 24.75 11.61 6.10
CA ARG H 78 24.77 13.01 5.74
C ARG H 78 24.20 13.72 6.95
N LYS H 79 24.29 15.04 6.99
CA LYS H 79 23.61 15.76 8.06
C LYS H 79 22.68 16.80 7.48
N THR H 80 22.39 16.63 6.20
CA THR H 80 21.37 17.44 5.53
C THR H 80 20.28 16.51 4.99
N VAL H 81 19.04 16.81 5.32
CA VAL H 81 17.94 16.05 4.76
C VAL H 81 17.80 16.55 3.30
N THR H 82 17.86 15.65 2.33
CA THR H 82 17.67 16.00 0.93
C THR H 82 16.30 15.56 0.51
N ALA H 83 15.81 16.19 -0.55
CA ALA H 83 14.44 15.98 -1.03
C ALA H 83 14.26 14.52 -1.39
N MET H 84 15.36 13.88 -1.77
CA MET H 84 15.27 12.48 -2.09
C MET H 84 14.86 11.72 -0.85
N ASP H 85 15.47 12.11 0.26
CA ASP H 85 15.16 11.48 1.52
C ASP H 85 13.71 11.64 1.82
N VAL H 86 13.23 12.85 1.59
CA VAL H 86 11.81 13.13 1.74
C VAL H 86 11.02 12.18 0.84
N VAL H 87 11.34 12.22 -0.46
CA VAL H 87 10.63 11.42 -1.44
C VAL H 87 10.71 9.93 -1.16
N TYR H 88 11.90 9.48 -0.82
CA TYR H 88 12.09 8.07 -0.56
C TYR H 88 11.22 7.71 0.62
N ALA H 89 11.05 8.66 1.52
CA ALA H 89 10.29 8.42 2.73
C ALA H 89 8.81 8.46 2.45
N LEU H 90 8.38 9.46 1.68
CA LEU H 90 6.97 9.58 1.32
C LEU H 90 6.51 8.35 0.59
N LYS H 91 7.35 7.89 -0.36
CA LYS H 91 7.01 6.73 -1.16
C LYS H 91 6.83 5.57 -0.23
N ARG H 92 7.72 5.51 0.75
CA ARG H 92 7.78 4.40 1.70
C ARG H 92 6.45 4.33 2.44
N GLN H 93 5.80 5.49 2.55
CA GLN H 93 4.51 5.66 3.21
C GLN H 93 3.34 5.40 2.24
N GLY H 94 3.68 5.17 0.99
CA GLY H 94 2.66 4.96 -0.01
C GLY H 94 2.00 6.29 -0.33
N ARG H 95 2.78 7.36 -0.32
CA ARG H 95 2.28 8.64 -0.75
C ARG H 95 3.28 9.25 -1.69
N THR H 96 3.52 8.52 -2.74
CA THR H 96 4.56 8.75 -3.73
C THR H 96 4.44 10.14 -4.32
N LEU H 97 5.50 10.94 -4.30
CA LEU H 97 5.38 12.34 -4.76
C LEU H 97 6.18 12.60 -6.05
N TYR H 98 5.50 13.13 -7.08
CA TYR H 98 6.17 13.52 -8.33
C TYR H 98 6.55 14.98 -8.39
N GLY H 99 7.73 15.24 -8.94
CA GLY H 99 8.21 16.59 -9.09
C GLY H 99 9.45 16.98 -8.29
N PHE H 100 10.17 16.01 -7.67
CA PHE H 100 11.36 16.36 -6.88
C PHE H 100 12.60 15.48 -6.99
N GLY H 101 12.62 14.52 -7.92
CA GLY H 101 13.80 13.67 -8.06
C GLY H 101 13.50 12.17 -8.11
N GLY H 102 12.21 11.86 -7.93
CA GLY H 102 11.68 10.50 -8.12
C GLY H 102 10.19 10.41 -7.76
N ARG I 11 43.73 -28.85 11.79
CA ARG I 11 42.43 -29.15 11.21
C ARG I 11 41.35 -28.81 12.24
N ALA I 12 40.44 -27.91 11.86
CA ALA I 12 39.46 -27.37 12.82
C ALA I 12 38.04 -27.43 12.27
N LYS I 13 37.16 -28.18 12.94
CA LYS I 13 35.88 -28.58 12.33
C LYS I 13 34.64 -27.90 12.94
N VAL I 14 33.49 -28.27 12.38
CA VAL I 14 32.24 -27.48 12.29
C VAL I 14 31.49 -26.99 13.56
N LYS I 15 31.31 -25.67 13.61
CA LYS I 15 30.35 -25.00 14.48
C LYS I 15 29.43 -24.20 13.55
N SER I 16 28.13 -24.51 13.59
CA SER I 16 27.21 -23.84 12.69
C SER I 16 27.31 -22.36 13.00
N ARG I 17 27.25 -21.51 12.00
CA ARG I 17 27.45 -20.09 12.29
C ARG I 17 26.24 -19.56 13.04
N SER I 18 25.13 -20.28 12.95
CA SER I 18 23.91 -19.87 13.63
C SER I 18 24.09 -19.96 15.14
N SER I 19 24.87 -20.93 15.57
CA SER I 19 25.08 -21.08 17.00
C SER I 19 26.25 -20.24 17.43
N ARG I 20 27.19 -19.96 16.52
CA ARG I 20 28.21 -18.96 16.82
C ARG I 20 27.54 -17.60 17.13
N ALA I 21 26.29 -17.43 16.66
CA ALA I 21 25.58 -16.20 16.97
C ALA I 21 24.51 -16.47 18.01
N GLY I 22 24.41 -17.72 18.44
CA GLY I 22 23.52 -18.07 19.54
C GLY I 22 22.08 -17.98 19.15
N LEU I 23 21.77 -18.53 17.98
CA LEU I 23 20.45 -18.44 17.38
C LEU I 23 19.85 -19.80 17.10
N GLN I 24 18.53 -19.89 17.17
CA GLN I 24 17.87 -21.08 16.71
C GLN I 24 17.70 -21.01 15.19
N PHE I 25 17.36 -19.83 14.70
CA PHE I 25 17.12 -19.60 13.27
C PHE I 25 18.37 -19.84 12.40
N PRO I 26 18.18 -20.38 11.18
CA PRO I 26 19.32 -20.79 10.35
C PRO I 26 20.06 -19.65 9.66
N VAL I 27 21.13 -19.14 10.28
CA VAL I 27 21.93 -18.07 9.69
C VAL I 27 22.42 -18.40 8.28
N GLY I 28 22.88 -19.64 8.11
CA GLY I 28 23.40 -20.07 6.82
C GLY I 28 22.37 -19.93 5.72
N ARG I 29 21.20 -20.49 5.97
CA ARG I 29 20.11 -20.50 5.00
C ARG I 29 19.71 -19.08 4.62
N VAL I 30 19.40 -18.27 5.62
CA VAL I 30 19.10 -16.86 5.41
C VAL I 30 20.12 -16.22 4.50
N HIS I 31 21.39 -16.59 4.64
CA HIS I 31 22.42 -16.04 3.75
C HIS I 31 22.17 -16.52 2.32
N ARG I 32 21.92 -17.82 2.19
CA ARG I 32 21.67 -18.38 0.86
C ARG I 32 20.47 -17.65 0.28
N LEU I 33 19.45 -17.42 1.12
CA LEU I 33 18.25 -16.77 0.66
C LEU I 33 18.48 -15.29 0.29
N LEU I 34 19.48 -14.64 0.85
CA LEU I 34 19.65 -13.24 0.46
C LEU I 34 20.44 -13.11 -0.81
N ARG I 35 21.41 -14.00 -0.98
CA ARG I 35 22.11 -14.11 -2.25
C ARG I 35 21.16 -14.37 -3.43
N GLN I 36 20.13 -15.20 -3.22
CA GLN I 36 19.25 -15.65 -4.28
C GLN I 36 17.96 -14.87 -4.36
N GLY I 37 17.86 -13.76 -3.63
CA GLY I 37 16.69 -12.92 -3.74
C GLY I 37 16.73 -11.75 -4.71
N ASN I 38 17.92 -11.54 -5.27
CA ASN I 38 18.24 -10.37 -6.07
C ASN I 38 18.12 -9.07 -5.28
N TYR I 39 18.66 -9.05 -4.07
CA TYR I 39 18.50 -7.88 -3.19
C TYR I 39 19.68 -6.90 -3.30
N ALA I 40 20.86 -7.44 -3.55
CA ALA I 40 22.00 -6.65 -4.00
C ALA I 40 23.04 -7.60 -4.49
N GLN I 41 24.06 -7.02 -5.11
CA GLN I 41 25.13 -7.79 -5.75
C GLN I 41 25.89 -8.67 -4.74
N ARG I 42 26.15 -8.11 -3.56
CA ARG I 42 26.95 -8.79 -2.56
C ARG I 42 26.21 -8.72 -1.24
N ILE I 43 26.38 -9.77 -0.44
CA ILE I 43 25.80 -9.88 0.91
C ILE I 43 26.88 -10.01 2.00
N GLY I 44 26.98 -9.00 2.86
CA GLY I 44 27.90 -9.02 3.99
C GLY I 44 27.63 -10.16 4.96
N ALA I 45 28.66 -10.63 5.67
CA ALA I 45 28.52 -11.88 6.42
C ALA I 45 27.76 -11.70 7.71
N GLY I 46 27.58 -10.44 8.10
CA GLY I 46 26.81 -10.10 9.28
C GLY I 46 25.34 -9.96 8.97
N ALA I 47 25.01 -9.57 7.75
CA ALA I 47 23.63 -9.36 7.37
C ALA I 47 22.77 -10.58 7.69
N PRO I 48 23.14 -11.78 7.23
CA PRO I 48 22.22 -12.89 7.54
C PRO I 48 22.13 -13.24 9.02
N VAL I 49 23.16 -12.96 9.81
CA VAL I 49 23.02 -13.28 11.22
C VAL I 49 22.02 -12.29 11.81
N TYR I 50 22.27 -11.00 11.59
CA TYR I 50 21.47 -9.92 12.12
C TYR I 50 19.99 -10.19 11.83
N LEU I 51 19.68 -10.46 10.57
CA LEU I 51 18.32 -10.73 10.14
C LEU I 51 17.77 -11.98 10.82
N ALA I 52 18.51 -13.08 10.77
CA ALA I 52 18.07 -14.32 11.41
C ALA I 52 17.69 -14.07 12.86
N ALA I 53 18.52 -13.27 13.54
CA ALA I 53 18.20 -12.82 14.88
C ALA I 53 16.86 -12.13 14.89
N VAL I 54 16.70 -11.15 13.99
CA VAL I 54 15.47 -10.35 13.94
C VAL I 54 14.26 -11.22 13.62
N LEU I 55 14.46 -12.24 12.79
CA LEU I 55 13.32 -13.10 12.47
C LEU I 55 13.03 -14.02 13.64
N GLU I 56 14.09 -14.57 14.24
CA GLU I 56 13.94 -15.40 15.44
C GLU I 56 13.30 -14.60 16.59
N TYR I 57 13.79 -13.39 16.80
CA TYR I 57 13.23 -12.54 17.83
C TYR I 57 11.75 -12.33 17.67
N LEU I 58 11.36 -11.96 16.46
CA LEU I 58 9.98 -11.62 16.11
C LEU I 58 9.11 -12.85 16.22
N THR I 59 9.62 -14.00 15.76
CA THR I 59 8.91 -15.26 15.96
C THR I 59 8.62 -15.47 17.46
N ALA I 60 9.68 -15.34 18.26
CA ALA I 60 9.56 -15.40 19.73
C ALA I 60 8.47 -14.49 20.29
N GLU I 61 8.53 -13.23 19.92
CA GLU I 61 7.61 -12.26 20.47
C GLU I 61 6.14 -12.60 20.18
N VAL I 62 5.77 -12.99 18.95
CA VAL I 62 4.34 -13.29 18.71
C VAL I 62 4.02 -14.64 19.32
N LEU I 63 5.03 -15.52 19.40
CA LEU I 63 4.84 -16.85 19.98
C LEU I 63 4.47 -16.86 21.48
N GLU I 64 5.04 -15.95 22.26
CA GLU I 64 4.72 -15.95 23.66
C GLU I 64 3.35 -15.30 23.83
N LEU I 65 3.12 -14.16 23.17
CA LEU I 65 1.85 -13.45 23.27
C LEU I 65 0.68 -14.29 22.80
N ALA I 66 0.95 -15.18 21.87
CA ALA I 66 -0.09 -16.08 21.35
C ALA I 66 -0.35 -17.22 22.30
N GLY I 67 0.73 -17.86 22.75
CA GLY I 67 0.60 -18.95 23.71
C GLY I 67 -0.13 -18.49 24.95
N ASN I 68 0.10 -17.24 25.34
CA ASN I 68 -0.61 -16.65 26.47
C ASN I 68 -2.09 -16.72 26.19
N ALA I 69 -2.48 -16.18 25.04
CA ALA I 69 -3.89 -16.17 24.67
C ALA I 69 -4.38 -17.61 24.45
N ALA I 70 -3.45 -18.51 24.13
CA ALA I 70 -3.76 -19.94 23.90
C ALA I 70 -4.25 -20.66 25.15
N ARG I 71 -3.60 -20.35 26.26
CA ARG I 71 -3.90 -20.95 27.55
C ARG I 71 -5.02 -20.23 28.27
N ASP I 72 -5.14 -18.97 27.90
CA ASP I 72 -6.27 -18.17 28.29
C ASP I 72 -7.55 -18.76 27.73
N ASN I 73 -7.51 -19.25 26.47
CA ASN I 73 -8.68 -19.87 25.83
C ASN I 73 -8.95 -21.27 26.36
N LYS I 74 -8.17 -21.70 27.36
CA LYS I 74 -8.35 -22.99 28.03
C LYS I 74 -8.13 -24.17 27.10
N LYS I 75 -7.26 -24.00 26.11
CA LYS I 75 -6.94 -25.05 25.16
C LYS I 75 -5.45 -25.25 25.37
N THR I 76 -4.95 -26.49 25.19
CA THR I 76 -3.53 -26.64 25.45
C THR I 76 -2.67 -25.91 24.41
N ARG I 77 -2.80 -26.19 23.12
CA ARG I 77 -1.93 -25.58 22.09
C ARG I 77 -2.36 -24.27 21.37
N ILE I 78 -1.58 -23.88 20.35
CA ILE I 78 -1.84 -22.67 19.59
C ILE I 78 -2.50 -22.87 18.26
N THR I 79 -3.71 -22.35 18.11
CA THR I 79 -4.42 -22.35 16.84
C THR I 79 -4.27 -20.97 16.21
N PRO I 80 -4.60 -20.86 14.92
CA PRO I 80 -4.62 -19.54 14.26
C PRO I 80 -5.49 -18.54 15.00
N ARG I 81 -6.56 -19.05 15.60
CA ARG I 81 -7.42 -18.26 16.46
C ARG I 81 -6.60 -17.48 17.47
N HIS I 82 -5.79 -18.20 18.22
CA HIS I 82 -4.98 -17.59 19.25
C HIS I 82 -4.01 -16.60 18.66
N LEU I 83 -3.39 -16.97 17.56
CA LEU I 83 -2.41 -16.09 16.95
C LEU I 83 -3.02 -14.78 16.53
N GLN I 84 -4.31 -14.83 16.21
CA GLN I 84 -5.06 -13.64 15.82
C GLN I 84 -5.30 -12.76 17.05
N LEU I 85 -5.90 -13.39 18.06
CA LEU I 85 -6.14 -12.77 19.35
C LEU I 85 -4.86 -12.15 19.87
N ALA I 86 -3.75 -12.84 19.67
CA ALA I 86 -2.44 -12.34 20.02
C ALA I 86 -2.12 -11.04 19.30
N ILE I 87 -2.10 -11.12 17.98
CA ILE I 87 -1.63 -10.02 17.16
C ILE I 87 -2.52 -8.80 17.16
N ARG I 88 -3.83 -9.02 17.21
CA ARG I 88 -4.80 -7.94 17.10
C ARG I 88 -5.01 -7.24 18.44
N ASN I 89 -4.80 -7.98 19.53
CA ASN I 89 -4.86 -7.34 20.83
C ASN I 89 -3.59 -6.61 21.16
N ASP I 90 -2.48 -7.07 20.61
CA ASP I 90 -1.25 -6.32 20.82
C ASP I 90 -1.21 -5.17 19.84
N GLU I 91 -0.73 -4.02 20.29
CA GLU I 91 -0.89 -2.82 19.50
C GLU I 91 0.30 -2.66 18.58
N GLU I 92 1.45 -3.11 19.02
CA GLU I 92 2.66 -2.95 18.21
C GLU I 92 2.72 -3.97 17.06
N LEU I 93 2.10 -5.12 17.25
CA LEU I 93 2.04 -6.10 16.20
C LEU I 93 0.89 -5.76 15.25
N ASN I 94 -0.06 -4.95 15.70
CA ASN I 94 -1.19 -4.70 14.84
C ASN I 94 -0.81 -3.91 13.61
N LYS I 95 0.25 -3.12 13.68
CA LYS I 95 0.58 -2.30 12.51
C LYS I 95 1.53 -3.04 11.65
N LEU I 96 2.34 -3.87 12.28
CA LEU I 96 3.28 -4.57 11.47
C LEU I 96 2.48 -5.54 10.63
N LEU I 97 1.32 -5.93 11.16
CA LEU I 97 0.51 -6.90 10.46
C LEU I 97 -0.87 -6.34 10.07
N GLY I 98 -0.94 -5.05 9.81
CA GLY I 98 -2.21 -4.39 9.60
C GLY I 98 -2.86 -4.80 8.30
N ARG I 99 -2.05 -4.85 7.24
CA ARG I 99 -2.63 -5.15 5.96
C ARG I 99 -2.33 -6.62 5.65
N VAL I 100 -2.24 -7.41 6.73
CA VAL I 100 -2.09 -8.84 6.59
C VAL I 100 -3.27 -9.56 7.18
N THR I 101 -3.75 -10.58 6.47
CA THR I 101 -4.88 -11.40 6.90
C THR I 101 -4.47 -12.80 7.41
N ILE I 102 -4.93 -13.13 8.61
CA ILE I 102 -4.64 -14.40 9.25
C ILE I 102 -5.73 -15.45 8.99
N ALA I 103 -5.39 -16.46 8.20
CA ALA I 103 -6.32 -17.58 7.91
C ALA I 103 -6.91 -18.17 9.16
N GLN I 104 -8.17 -18.59 9.08
CA GLN I 104 -8.83 -19.25 10.21
C GLN I 104 -8.76 -18.48 11.56
N GLY I 105 -8.63 -17.16 11.49
CA GLY I 105 -8.40 -16.36 12.67
C GLY I 105 -9.63 -15.82 13.39
N GLY I 106 -10.57 -15.26 12.63
CA GLY I 106 -11.72 -14.64 13.22
C GLY I 106 -11.44 -13.17 13.44
N VAL I 107 -12.37 -12.48 14.09
CA VAL I 107 -12.13 -11.12 14.56
C VAL I 107 -12.11 -11.16 16.07
N LEU I 108 -11.60 -10.11 16.71
CA LEU I 108 -11.75 -9.99 18.14
C LEU I 108 -13.21 -9.74 18.37
N PRO I 109 -13.79 -10.35 19.42
CA PRO I 109 -15.14 -9.94 19.80
C PRO I 109 -15.23 -8.45 20.01
N ASN I 110 -16.09 -7.81 19.23
CA ASN I 110 -16.29 -6.38 19.39
C ASN I 110 -17.69 -5.96 18.93
N ILE I 111 -18.50 -5.45 19.87
CA ILE I 111 -19.81 -4.85 19.58
C ILE I 111 -19.84 -3.37 19.94
N GLN I 112 -20.38 -2.56 19.04
CA GLN I 112 -20.50 -1.12 19.25
C GLN I 112 -21.44 -0.79 20.38
N ALA I 113 -21.03 0.17 21.21
CA ALA I 113 -21.77 0.61 22.41
C ALA I 113 -23.24 0.75 22.11
N VAL I 114 -23.52 1.43 21.01
CA VAL I 114 -24.85 1.85 20.65
C VAL I 114 -25.82 0.69 20.35
N LEU I 115 -25.28 -0.49 20.11
CA LEU I 115 -26.11 -1.60 19.68
C LEU I 115 -26.75 -2.39 20.83
N LEU I 116 -26.10 -2.35 21.99
CA LEU I 116 -26.50 -3.11 23.17
C LEU I 116 -27.84 -2.68 23.80
N PRO I 117 -28.54 -3.61 24.48
CA PRO I 117 -29.75 -3.26 25.23
C PRO I 117 -29.48 -2.16 26.28
N LYS I 118 -30.51 -1.68 26.97
CA LYS I 118 -30.33 -0.44 27.75
C LYS I 118 -30.22 -0.56 29.29
N LYS I 119 -30.94 -1.48 29.92
CA LYS I 119 -30.84 -1.60 31.37
C LYS I 119 -30.68 -3.05 31.86
N SER J 31 14.05 -32.26 -3.68
CA SER J 31 12.65 -32.56 -3.91
C SER J 31 11.67 -31.85 -2.99
N ARG J 32 11.57 -32.28 -1.75
CA ARG J 32 10.63 -31.64 -0.84
C ARG J 32 11.10 -30.23 -0.65
N LYS J 33 10.15 -29.33 -0.47
CA LYS J 33 10.47 -27.95 -0.19
C LYS J 33 11.05 -27.91 1.20
N GLU J 34 11.38 -26.71 1.67
CA GLU J 34 11.98 -26.55 2.98
C GLU J 34 11.21 -25.44 3.72
N SER J 35 11.23 -25.47 5.05
CA SER J 35 10.37 -24.58 5.83
C SER J 35 11.13 -23.88 6.97
N TYR J 36 10.42 -23.09 7.76
CA TYR J 36 10.97 -22.56 9.01
C TYR J 36 10.35 -23.22 10.24
N SER J 37 9.58 -24.28 10.08
CA SER J 37 8.82 -24.84 11.21
C SER J 37 9.66 -25.41 12.38
N ILE J 38 10.78 -26.05 12.09
CA ILE J 38 11.63 -26.54 13.17
C ILE J 38 12.15 -25.38 14.00
N TYR J 39 12.63 -24.33 13.34
CA TYR J 39 13.16 -23.17 14.02
C TYR J 39 12.08 -22.47 14.82
N VAL J 40 10.89 -22.43 14.25
CA VAL J 40 9.76 -21.86 14.95
C VAL J 40 9.38 -22.76 16.12
N TYR J 41 9.33 -24.07 15.90
CA TYR J 41 8.95 -24.99 16.97
C TYR J 41 9.97 -24.98 18.10
N LYS J 42 11.25 -24.86 17.74
CA LYS J 42 12.33 -24.77 18.70
C LYS J 42 12.17 -23.53 19.60
N VAL J 43 12.14 -22.37 18.97
CA VAL J 43 11.96 -21.10 19.68
C VAL J 43 10.65 -21.11 20.43
N LEU J 44 9.75 -21.98 20.02
CA LEU J 44 8.47 -22.04 20.69
C LEU J 44 8.58 -22.76 22.01
N LYS J 45 9.37 -23.83 22.00
CA LYS J 45 9.64 -24.63 23.17
C LYS J 45 10.49 -23.87 24.20
N GLN J 46 11.22 -22.87 23.71
CA GLN J 46 12.03 -22.07 24.59
C GLN J 46 11.20 -20.99 25.28
N VAL J 47 10.22 -20.38 24.59
CA VAL J 47 9.49 -19.26 25.21
C VAL J 47 8.29 -19.77 26.00
N HIS J 48 7.81 -20.94 25.63
CA HIS J 48 6.72 -21.61 26.32
C HIS J 48 6.93 -23.12 26.36
N PRO J 49 7.90 -23.60 27.18
CA PRO J 49 8.32 -25.02 27.20
C PRO J 49 7.15 -25.99 27.16
N ASP J 50 6.03 -25.56 27.72
CA ASP J 50 4.82 -26.39 27.75
C ASP J 50 3.77 -25.86 26.80
N THR J 51 4.13 -25.74 25.52
CA THR J 51 3.21 -25.25 24.50
C THR J 51 3.61 -25.75 23.12
N GLY J 52 2.71 -26.48 22.48
CA GLY J 52 2.95 -27.02 21.16
C GLY J 52 2.71 -26.00 20.06
N ILE J 53 1.98 -26.42 19.03
CA ILE J 53 1.66 -25.53 17.91
C ILE J 53 0.89 -26.28 16.82
N SER J 54 -0.31 -25.81 16.52
CA SER J 54 -1.15 -26.44 15.49
C SER J 54 -0.48 -26.38 14.13
N SER J 55 -0.84 -27.30 13.25
CA SER J 55 -0.21 -27.38 11.92
C SER J 55 -0.45 -26.16 11.03
N LYS J 56 -1.66 -25.61 11.08
CA LYS J 56 -1.98 -24.43 10.26
C LYS J 56 -1.56 -23.15 10.98
N ALA J 57 -1.42 -23.26 12.30
CA ALA J 57 -0.88 -22.20 13.10
C ALA J 57 0.62 -22.15 12.82
N MET J 58 1.20 -23.32 12.60
CA MET J 58 2.57 -23.39 12.16
C MET J 58 2.60 -22.77 10.77
N GLY J 59 1.55 -23.03 10.01
CA GLY J 59 1.44 -22.50 8.66
C GLY J 59 1.51 -20.98 8.68
N ILE J 60 0.66 -20.37 9.50
CA ILE J 60 0.64 -18.93 9.60
C ILE J 60 2.02 -18.40 9.98
N MET J 61 2.58 -18.97 11.04
CA MET J 61 3.89 -18.57 11.58
C MET J 61 4.97 -18.58 10.50
N ASN J 62 4.84 -19.56 9.61
CA ASN J 62 5.74 -19.71 8.49
C ASN J 62 5.60 -18.57 7.47
N SER J 63 4.35 -18.26 7.12
CA SER J 63 4.07 -17.17 6.20
C SER J 63 4.58 -15.87 6.82
N PHE J 64 4.48 -15.75 8.15
CA PHE J 64 4.89 -14.54 8.87
C PHE J 64 6.38 -14.25 8.79
N VAL J 65 7.17 -15.27 9.02
CA VAL J 65 8.61 -15.12 8.92
C VAL J 65 8.97 -14.61 7.56
N ASN J 66 8.34 -15.22 6.59
CA ASN J 66 8.64 -15.02 5.19
C ASN J 66 8.38 -13.62 4.77
N ASP J 67 7.17 -13.15 5.02
CA ASP J 67 6.79 -11.78 4.73
C ASP J 67 7.81 -10.83 5.33
N ILE J 68 7.94 -10.87 6.65
CA ILE J 68 8.86 -10.00 7.37
C ILE J 68 10.25 -10.10 6.75
N PHE J 69 10.61 -11.31 6.33
CA PHE J 69 11.90 -11.52 5.72
C PHE J 69 12.03 -10.62 4.50
N GLU J 70 11.02 -10.70 3.64
CA GLU J 70 11.09 -9.96 2.41
C GLU J 70 11.13 -8.45 2.66
N ARG J 71 10.25 -7.98 3.53
CA ARG J 71 10.15 -6.55 3.76
C ARG J 71 11.49 -5.97 4.14
N ILE J 72 12.11 -6.58 5.13
CA ILE J 72 13.41 -6.15 5.60
C ILE J 72 14.41 -6.23 4.46
N ALA J 73 14.42 -7.39 3.81
CA ALA J 73 15.39 -7.64 2.76
C ALA J 73 15.18 -6.63 1.64
N GLY J 74 13.92 -6.41 1.31
CA GLY J 74 13.57 -5.42 0.30
C GLY J 74 14.00 -4.03 0.70
N GLU J 75 13.55 -3.61 1.87
CA GLU J 75 13.83 -2.27 2.33
C GLU J 75 15.34 -2.01 2.41
N ALA J 76 16.10 -3.02 2.81
CA ALA J 76 17.54 -2.90 2.83
C ALA J 76 18.09 -2.80 1.39
N SER J 77 17.61 -3.70 0.54
CA SER J 77 18.01 -3.74 -0.87
C SER J 77 17.93 -2.35 -1.49
N ARG J 78 16.87 -1.65 -1.12
CA ARG J 78 16.56 -0.36 -1.68
C ARG J 78 17.34 0.73 -0.97
N LEU J 79 17.70 0.45 0.27
CA LEU J 79 18.56 1.33 1.04
C LEU J 79 19.91 1.38 0.40
N ALA J 80 20.43 0.17 0.22
CA ALA J 80 21.73 -0.07 -0.35
C ALA J 80 21.81 0.63 -1.67
N HIS J 81 20.72 0.56 -2.42
CA HIS J 81 20.69 1.14 -3.76
C HIS J 81 20.63 2.67 -3.83
N TYR J 82 19.95 3.33 -2.90
CA TYR J 82 19.92 4.79 -2.91
C TYR J 82 21.27 5.41 -2.74
N ASN J 83 22.10 4.70 -2.01
CA ASN J 83 23.37 5.27 -1.67
C ASN J 83 24.50 4.74 -2.55
N LYS J 84 24.13 4.18 -3.71
CA LYS J 84 25.10 3.69 -4.69
C LYS J 84 26.12 2.74 -4.05
N ARG J 85 25.72 2.01 -3.02
CA ARG J 85 26.60 1.04 -2.43
C ARG J 85 26.24 -0.34 -2.95
N SER J 86 27.25 -1.15 -3.25
CA SER J 86 26.99 -2.38 -3.99
C SER J 86 26.56 -3.54 -3.12
N THR J 87 26.85 -3.48 -1.82
CA THR J 87 26.59 -4.61 -0.94
C THR J 87 25.60 -4.26 0.18
N ILE J 88 24.85 -5.26 0.61
CA ILE J 88 24.05 -5.18 1.83
C ILE J 88 24.77 -5.70 3.10
N THR J 89 25.10 -4.77 4.00
CA THR J 89 25.71 -5.10 5.29
C THR J 89 24.66 -5.24 6.38
N SER J 90 25.06 -5.78 7.51
CA SER J 90 24.21 -5.71 8.69
C SER J 90 23.76 -4.25 8.93
N ARG J 91 24.58 -3.29 8.53
CA ARG J 91 24.20 -1.89 8.72
C ARG J 91 22.92 -1.56 7.94
N GLU J 92 22.78 -2.08 6.73
CA GLU J 92 21.54 -1.85 5.99
C GLU J 92 20.36 -2.57 6.63
N ILE J 93 20.56 -3.80 7.07
CA ILE J 93 19.47 -4.55 7.68
C ILE J 93 18.93 -3.79 8.90
N GLN J 94 19.82 -3.08 9.58
CA GLN J 94 19.41 -2.36 10.77
C GLN J 94 18.52 -1.19 10.38
N THR J 95 19.02 -0.29 9.53
CA THR J 95 18.20 0.85 9.11
C THR J 95 16.85 0.36 8.60
N ALA J 96 16.89 -0.78 7.89
CA ALA J 96 15.69 -1.47 7.44
C ALA J 96 14.72 -1.68 8.60
N VAL J 97 15.19 -2.32 9.66
CA VAL J 97 14.37 -2.55 10.85
C VAL J 97 13.85 -1.22 11.45
N ARG J 98 14.73 -0.22 11.50
CA ARG J 98 14.37 1.08 12.01
C ARG J 98 13.16 1.68 11.28
N LEU J 99 13.12 1.51 9.96
CA LEU J 99 12.05 2.09 9.15
C LEU J 99 10.74 1.37 9.30
N LEU J 100 10.87 0.05 9.28
CA LEU J 100 9.78 -0.86 9.07
C LEU J 100 9.18 -1.51 10.30
N LEU J 101 9.96 -1.62 11.37
CA LEU J 101 9.38 -2.10 12.62
C LEU J 101 8.91 -0.90 13.41
N PRO J 102 7.73 -1.00 14.01
CA PRO J 102 7.15 0.09 14.80
C PRO J 102 7.69 0.19 16.23
N GLY J 103 7.94 1.42 16.67
CA GLY J 103 8.18 1.73 18.07
C GLY J 103 9.19 0.94 18.88
N GLU J 104 8.72 0.28 19.95
CA GLU J 104 9.62 -0.39 20.87
C GLU J 104 10.02 -1.73 20.28
N LEU J 105 9.17 -2.21 19.39
CA LEU J 105 9.43 -3.48 18.79
C LEU J 105 10.58 -3.33 17.80
N ALA J 106 10.81 -2.09 17.41
CA ALA J 106 11.95 -1.76 16.59
C ALA J 106 13.24 -1.95 17.36
N LYS J 107 13.25 -1.56 18.63
CA LYS J 107 14.51 -1.51 19.37
C LYS J 107 14.93 -2.82 20.01
N HIS J 108 13.99 -3.64 20.48
CA HIS J 108 14.37 -4.98 20.94
C HIS J 108 14.89 -5.80 19.75
N ALA J 109 14.58 -5.31 18.55
CA ALA J 109 14.97 -5.92 17.31
C ALA J 109 16.39 -5.50 16.93
N VAL J 110 16.67 -4.20 16.88
CA VAL J 110 18.05 -3.76 16.65
C VAL J 110 18.97 -4.42 17.66
N SER J 111 18.49 -4.49 18.91
CA SER J 111 19.26 -5.11 19.99
C SER J 111 19.53 -6.58 19.69
N GLU J 112 18.49 -7.42 19.68
CA GLU J 112 18.73 -8.86 19.64
C GLU J 112 19.57 -9.21 18.41
N GLY J 113 19.71 -8.24 17.52
CA GLY J 113 20.42 -8.41 16.28
C GLY J 113 21.88 -8.05 16.44
N THR J 114 22.17 -6.84 16.91
CA THR J 114 23.58 -6.48 17.17
C THR J 114 24.13 -7.39 18.25
N LYS J 115 23.25 -7.87 19.12
CA LYS J 115 23.62 -8.85 20.14
C LYS J 115 23.94 -10.21 19.53
N ALA J 116 23.14 -10.67 18.60
CA ALA J 116 23.54 -11.88 17.89
C ALA J 116 24.81 -11.66 17.05
N VAL J 117 25.06 -10.44 16.59
CA VAL J 117 26.13 -10.27 15.61
C VAL J 117 27.52 -10.16 16.26
N THR J 118 27.62 -9.53 17.43
CA THR J 118 28.93 -9.48 18.09
C THR J 118 29.29 -10.87 18.60
N LYS J 119 28.30 -11.57 19.14
CA LYS J 119 28.51 -12.93 19.62
C LYS J 119 29.04 -13.82 18.50
N TYR J 120 28.64 -13.51 17.28
CA TYR J 120 29.11 -14.23 16.11
C TYR J 120 30.55 -13.91 15.76
N THR J 121 30.91 -12.63 15.80
CA THR J 121 32.24 -12.20 15.37
C THR J 121 33.29 -12.50 16.42
N SER J 122 32.84 -12.99 17.56
CA SER J 122 33.70 -13.48 18.61
C SER J 122 33.85 -14.99 18.41
N SER J 123 33.84 -15.41 17.14
CA SER J 123 33.98 -16.81 16.74
C SER J 123 35.44 -17.23 16.77
N LYS J 124 35.94 -17.44 17.99
CA LYS J 124 37.31 -17.83 18.27
C LYS J 124 37.47 -19.35 18.39
#